data_8XXZ
#
_entry.id   8XXZ
#
_cell.length_a   1.00
_cell.length_b   1.00
_cell.length_c   1.00
_cell.angle_alpha   90.00
_cell.angle_beta   90.00
_cell.angle_gamma   90.00
#
_symmetry.space_group_name_H-M   'P 1'
#
loop_
_entity.id
_entity.type
_entity.pdbx_description
1 polymer 'Guanine nucleotide-binding protein G(o) subunit alpha'
2 polymer 'Guanine nucleotide-binding protein G(I)/G(S)/G(T) subunit beta-1'
3 polymer 'Guanine nucleotide-binding protein G(I)/G(S)/G(O) subunit gamma-2'
4 polymer 'Antibody fragment ScFv16'
5 polymer 'C-X-C chemokine receptor type 3'
#
loop_
_entity_poly.entity_id
_entity_poly.type
_entity_poly.pdbx_seq_one_letter_code
_entity_poly.pdbx_strand_id
1 'polypeptide(L)'
;MGHHHHHHENLYFQGTLSAEERAALERSKAIEKNLKEDGISAAKDVKLLLLGADNSGKSTIVKQMKIIHGGSGGSGGTTG
IVETHFTFKNLHFRLFDVGGQRSERKKWIHCFEDVTAIIFCVDLSDYNRMHESLMLFDSICNNKFFIDTSIILFLNKKDL
FGEKIKKSPLTICFPEYTGPNTYEDAAAYIQAQFESKNRSPNKEIYCHMTCATDTNNAQVIFDAVTDIIIANNLRGCGLY
;
A
2 'polypeptide(L)'
;MHHHHHHGSSGSELDQLRQEAEQLKNQIRDARKACADATLSQITNNIDPVGRIQMRTRRTLRGHLAKIYAMHWGTDSRLL
VSASQDGKLIIWDSYTTNKVHAIPLRSSWVMTCAYAPSGNYVACGGLDNICSIYNLKTREGNVRVSRELAGHTGYLSCCR
FLDDNQIVTSSGDTTCALWDIETGQQTTTFTGHTGDVMSLSLAPDTRLFVSGACDASAKLWDVREGMCRQTFTGHESDIN
AICFFPNGNAFATGSDDATCRLFDLRADQELMTYSHDNIICGITSVSFSKSGRLLLAGYDDFNCNVWDALKADRAGVLAG
HDNRVSCLGVTDDGMAVATGSWDSFLKIWN
;
B
3 'polypeptide(L)' MASNNTASIAQARKLVEQLKMEANIDRIKVSKAAADLMAYCEAHAKEDPLLTPVPASENPFREKKFFCAIL G
4 'polypeptide(L)'
;DVQLVESGGGLVQPGGSRKLSCSASGFAFSSFGMHWVRQAPEKGLEWVAYISSGSGTIYYADTVKGRFTISRDDPKNTLF
LQMTSLRSEDTAMYYCVRSIYYYGSSPFDFWGQGTTLTVSSGGGGSGGGGSGGGGSDIVMTQATSSVPVTPGESVSISCR
SSKSLLHSNGNTYLYWFLQRPGQSPQLLIYRMSNLASGVPDRFSGSGSGTAFTLTISRLEAEDVGVYYCMQHLEYPLTFG
AGTKLELK
;
S
5 'polypeptide(L)'
;MGKTIIALSYIFCLVFADYKDDDDAANFTPVNGSSGNQSVRLVTSSSLEVLFQGPGSVLEVSDHQVLNDAEVAALLENFS
SSYDYGENESDSCCTSPPCPQDFSLNFDRAFLPALYSLLFLLGLLGNGAVAAVLLSRRTALSSTDTFLLHLAVADTLLVL
TLPLWAVDAAVQWVFGSGLCKVAGALFNINFYAGALLLACISFDRYLNIVHATQLYRRGPPARVTLTCLAVWGLCLLFAL
PDFIFLSAHHDERLNATHCQYNFPQVGRTALRVLQLVAGFLLPLLVMAYCYAHILAVLLVSRGQRRLRAMRLVVVVVVAF
ALCWTPYHLVVLVDILMDLGALARNCGRESRVDVAKSVTSGLGYMHCCLNPLLYAFVGVKFRERMWMLLLRLGCPNQRGL
QRQPSSSRRDSSWSETSEASYSGL
;
R
#
# COMPACT_ATOMS: atom_id res chain seq x y z
N THR A 16 -21.85 -0.25 -10.49
CA THR A 16 -21.90 1.21 -10.46
C THR A 16 -23.13 1.74 -11.19
N LEU A 17 -24.07 0.85 -11.48
CA LEU A 17 -25.29 1.27 -12.18
C LEU A 17 -26.11 2.22 -11.32
N SER A 18 -26.21 1.95 -10.02
CA SER A 18 -27.09 2.71 -9.15
C SER A 18 -26.67 4.17 -9.09
N ALA A 19 -27.62 5.03 -8.72
CA ALA A 19 -27.32 6.45 -8.60
C ALA A 19 -26.33 6.71 -7.48
N GLU A 20 -26.58 6.17 -6.31
CA GLU A 20 -25.62 6.45 -5.25
C GLU A 20 -24.29 5.81 -5.65
N GLU A 21 -24.30 4.55 -6.05
CA GLU A 21 -23.04 3.88 -6.32
C GLU A 21 -22.21 4.64 -7.34
N ARG A 22 -22.85 5.44 -8.20
CA ARG A 22 -22.08 6.30 -9.09
C ARG A 22 -21.40 7.42 -8.33
N ALA A 23 -22.11 8.04 -7.39
CA ALA A 23 -21.50 9.11 -6.59
C ALA A 23 -20.39 8.58 -5.70
N ALA A 24 -20.53 7.33 -5.24
CA ALA A 24 -19.45 6.72 -4.46
C ALA A 24 -18.20 6.58 -5.31
N LEU A 25 -18.35 6.23 -6.58
CA LEU A 25 -17.19 6.06 -7.46
C LEU A 25 -16.46 7.38 -7.64
N GLU A 26 -17.17 8.48 -7.70
CA GLU A 26 -16.45 9.77 -7.79
C GLU A 26 -15.57 9.86 -6.57
N ARG A 27 -16.14 9.72 -5.39
CA ARG A 27 -15.34 9.92 -4.19
C ARG A 27 -14.05 9.11 -4.25
N SER A 28 -14.15 7.88 -4.77
CA SER A 28 -12.96 7.05 -4.90
C SER A 28 -11.94 7.68 -5.85
N LYS A 29 -12.41 8.19 -6.98
CA LYS A 29 -11.47 8.80 -7.93
C LYS A 29 -10.86 10.07 -7.37
N ALA A 30 -11.62 10.85 -6.61
CA ALA A 30 -11.07 12.05 -6.00
C ALA A 30 -10.03 11.70 -4.94
N ILE A 31 -10.24 10.61 -4.21
CA ILE A 31 -9.24 10.20 -3.24
C ILE A 31 -7.95 9.78 -3.93
N GLU A 32 -8.05 8.95 -4.97
CA GLU A 32 -6.85 8.54 -5.69
C GLU A 32 -6.06 9.76 -6.15
N LYS A 33 -6.76 10.79 -6.63
CA LYS A 33 -6.07 11.98 -7.12
C LYS A 33 -5.22 12.60 -6.02
N ASN A 34 -5.73 12.62 -4.79
CA ASN A 34 -4.96 13.20 -3.69
C ASN A 34 -3.83 12.28 -3.25
N LEU A 35 -4.05 10.96 -3.29
CA LEU A 35 -2.97 10.04 -2.98
C LEU A 35 -1.84 10.17 -4.00
N LYS A 36 -2.19 10.22 -5.28
CA LYS A 36 -1.17 10.37 -6.32
C LYS A 36 -0.44 11.69 -6.16
N GLU A 37 -1.16 12.79 -5.92
CA GLU A 37 -0.53 14.10 -5.88
C GLU A 37 0.39 14.21 -4.67
N ASP A 38 0.00 13.64 -3.53
CA ASP A 38 0.86 13.69 -2.35
C ASP A 38 2.14 12.90 -2.59
N GLY A 39 2.05 11.81 -3.36
CA GLY A 39 3.26 11.11 -3.73
C GLY A 39 4.21 11.97 -4.51
N ILE A 40 3.69 12.76 -5.46
CA ILE A 40 4.53 13.64 -6.26
C ILE A 40 5.17 14.71 -5.37
N SER A 41 4.37 15.34 -4.52
CA SER A 41 4.92 16.33 -3.61
C SER A 41 5.93 15.74 -2.64
N ALA A 42 5.87 14.43 -2.40
CA ALA A 42 6.77 13.74 -1.50
C ALA A 42 7.72 12.81 -2.25
N ALA A 43 8.08 13.17 -3.48
CA ALA A 43 9.00 12.38 -4.29
C ALA A 43 10.43 12.91 -4.24
N LYS A 44 10.60 14.21 -4.01
CA LYS A 44 11.91 14.83 -4.02
C LYS A 44 12.56 14.87 -2.64
N ASP A 45 12.21 13.94 -1.75
CA ASP A 45 12.78 13.89 -0.42
C ASP A 45 13.70 12.69 -0.30
N VAL A 46 14.92 12.93 0.19
CA VAL A 46 15.92 11.89 0.36
C VAL A 46 15.93 11.50 1.84
N LYS A 47 15.79 10.21 2.11
CA LYS A 47 15.69 9.71 3.48
C LYS A 47 17.03 9.14 3.90
N LEU A 48 17.62 9.73 4.94
CA LEU A 48 18.90 9.29 5.49
C LEU A 48 18.70 8.88 6.94
N LEU A 49 19.32 7.77 7.32
CA LEU A 49 19.24 7.26 8.68
C LEU A 49 20.46 7.70 9.46
N LEU A 50 20.23 8.25 10.64
CA LEU A 50 21.31 8.68 11.53
C LEU A 50 21.58 7.57 12.54
N LEU A 51 22.85 7.28 12.78
CA LEU A 51 23.25 6.24 13.71
C LEU A 51 24.51 6.69 14.43
N GLY A 52 24.84 5.98 15.50
CA GLY A 52 26.07 6.24 16.23
C GLY A 52 25.85 6.13 17.73
N ALA A 53 26.94 6.24 18.47
CA ALA A 53 26.88 6.21 19.92
C ALA A 53 26.45 7.57 20.45
N ASP A 54 26.15 7.61 21.74
CA ASP A 54 25.65 8.84 22.36
C ASP A 54 26.77 9.86 22.51
N ASN A 55 26.36 11.14 22.56
CA ASN A 55 27.30 12.26 22.69
C ASN A 55 28.29 12.28 21.52
N SER A 56 27.90 11.72 20.38
CA SER A 56 28.79 11.58 19.25
C SER A 56 28.53 12.61 18.15
N GLY A 57 27.85 13.71 18.47
CA GLY A 57 27.56 14.71 17.47
C GLY A 57 26.44 14.36 16.51
N LYS A 58 25.68 13.30 16.80
CA LYS A 58 24.58 12.90 15.93
C LYS A 58 23.41 13.87 15.98
N SER A 59 23.44 14.85 16.89
CA SER A 59 22.36 15.81 17.04
C SER A 59 22.67 17.16 16.40
N THR A 60 23.92 17.41 16.03
CA THR A 60 24.31 18.72 15.49
C THR A 60 25.24 18.55 14.29
N ILE A 61 24.89 17.62 13.40
CA ILE A 61 25.65 17.45 12.17
C ILE A 61 25.54 18.70 11.30
N VAL A 62 24.32 19.19 11.11
CA VAL A 62 24.04 20.37 10.30
C VAL A 62 23.32 21.39 11.17
N LYS A 63 23.77 22.64 11.10
CA LYS A 63 23.20 23.69 11.95
C LYS A 63 21.81 24.13 11.50
N GLN A 64 21.36 23.71 10.31
CA GLN A 64 20.03 24.02 9.82
C GLN A 64 19.12 22.84 10.21
N MET A 65 18.66 22.86 11.46
CA MET A 65 17.93 21.70 11.99
C MET A 65 16.46 21.72 11.58
N LYS A 66 15.71 22.71 12.08
CA LYS A 66 14.27 22.77 11.88
C LYS A 66 13.65 21.39 12.13
N ILE A 67 13.73 20.98 13.40
CA ILE A 67 13.38 19.61 13.78
C ILE A 67 12.05 19.20 13.16
N ILE A 68 10.99 19.94 13.47
CA ILE A 68 9.67 19.64 12.93
C ILE A 68 8.67 20.68 13.40
N THR A 79 10.02 11.06 23.43
CA THR A 79 10.55 9.72 23.17
C THR A 79 9.91 9.14 21.92
N GLY A 80 10.66 8.31 21.21
CA GLY A 80 10.17 7.72 19.98
C GLY A 80 11.19 7.79 18.86
N ILE A 81 10.82 8.44 17.76
CA ILE A 81 11.71 8.64 16.63
C ILE A 81 11.71 10.13 16.30
N VAL A 82 12.89 10.70 16.13
CA VAL A 82 13.07 12.13 15.92
C VAL A 82 13.50 12.36 14.48
N GLU A 83 12.82 13.27 13.79
CA GLU A 83 13.07 13.55 12.39
C GLU A 83 13.57 14.98 12.21
N THR A 84 14.47 15.16 11.24
CA THR A 84 14.98 16.47 10.85
C THR A 84 14.89 16.59 9.34
N HIS A 85 14.34 17.69 8.84
CA HIS A 85 13.94 17.79 7.44
C HIS A 85 14.52 19.05 6.79
N PHE A 86 15.80 19.29 6.96
CA PHE A 86 16.44 20.43 6.31
C PHE A 86 16.46 20.22 4.79
N THR A 87 16.43 21.33 4.06
CA THR A 87 16.44 21.33 2.61
C THR A 87 17.64 22.11 2.09
N PHE A 88 18.13 21.74 0.92
CA PHE A 88 19.37 22.31 0.39
C PHE A 88 19.52 21.95 -1.07
N LYS A 89 19.80 22.95 -1.92
CA LYS A 89 20.12 22.74 -3.33
C LYS A 89 19.07 21.85 -4.02
N ASN A 90 17.86 22.37 -4.11
CA ASN A 90 16.80 21.72 -4.89
C ASN A 90 16.67 20.25 -4.53
N LEU A 91 16.64 19.97 -3.23
CA LEU A 91 16.49 18.60 -2.75
C LEU A 91 16.09 18.65 -1.28
N HIS A 92 15.24 17.73 -0.87
CA HIS A 92 14.71 17.70 0.49
C HIS A 92 15.35 16.53 1.23
N PHE A 93 16.02 16.83 2.34
CA PHE A 93 16.74 15.84 3.13
C PHE A 93 15.98 15.57 4.42
N ARG A 94 15.74 14.30 4.72
CA ARG A 94 15.10 13.90 5.97
C ARG A 94 16.05 12.96 6.72
N LEU A 95 16.45 13.36 7.92
CA LEU A 95 17.29 12.53 8.78
C LEU A 95 16.45 11.95 9.90
N PHE A 96 16.51 10.63 10.06
CA PHE A 96 15.75 9.92 11.08
C PHE A 96 16.70 9.44 12.16
N ASP A 97 16.48 9.89 13.39
CA ASP A 97 17.30 9.50 14.53
C ASP A 97 16.55 8.45 15.33
N VAL A 98 17.15 7.26 15.47
CA VAL A 98 16.49 6.16 16.17
C VAL A 98 17.08 5.94 17.55
N GLY A 99 17.84 6.89 18.07
CA GLY A 99 18.32 6.78 19.44
C GLY A 99 17.16 6.80 20.42
N GLY A 100 17.36 6.13 21.55
CA GLY A 100 16.35 6.07 22.59
C GLY A 100 15.38 4.92 22.47
N GLN A 101 15.47 4.11 21.40
CA GLN A 101 14.59 2.97 21.27
C GLN A 101 14.80 1.98 22.41
N ARG A 102 16.06 1.72 22.77
CA ARG A 102 16.37 0.79 23.85
C ARG A 102 15.74 -0.58 23.60
N SER A 103 15.75 -1.01 22.33
CA SER A 103 15.20 -2.30 21.95
C SER A 103 16.22 -3.04 21.08
N GLU A 104 15.83 -4.21 20.57
CA GLU A 104 16.70 -4.99 19.69
C GLU A 104 16.51 -4.51 18.27
N ARG A 105 17.59 -4.03 17.65
CA ARG A 105 17.48 -3.41 16.34
C ARG A 105 16.87 -4.35 15.32
N LYS A 106 17.04 -5.66 15.50
CA LYS A 106 16.74 -6.58 14.42
C LYS A 106 15.29 -6.48 13.97
N LYS A 107 14.40 -5.94 14.81
CA LYS A 107 12.98 -6.01 14.55
C LYS A 107 12.39 -4.73 13.96
N TRP A 108 13.00 -3.57 14.18
CA TRP A 108 12.57 -2.35 13.54
C TRP A 108 13.55 -1.85 12.49
N ILE A 109 14.67 -2.53 12.30
CA ILE A 109 15.65 -2.09 11.32
C ILE A 109 15.07 -2.18 9.91
N HIS A 110 14.23 -3.17 9.65
CA HIS A 110 13.68 -3.34 8.31
C HIS A 110 12.79 -2.18 7.91
N CYS A 111 12.40 -1.33 8.86
CA CYS A 111 11.62 -0.15 8.51
C CYS A 111 12.39 0.80 7.61
N PHE A 112 13.69 0.92 7.83
CA PHE A 112 14.52 1.87 7.07
C PHE A 112 15.27 1.19 5.93
N GLU A 113 14.75 0.08 5.42
CA GLU A 113 15.46 -0.64 4.37
C GLU A 113 15.65 0.20 3.12
N ASP A 114 14.80 1.20 2.91
CA ASP A 114 14.80 1.96 1.67
C ASP A 114 15.52 3.30 1.77
N VAL A 115 16.17 3.57 2.91
CA VAL A 115 16.85 4.86 3.05
C VAL A 115 17.97 4.95 2.01
N THR A 116 18.20 6.17 1.54
CA THR A 116 19.24 6.38 0.54
C THR A 116 20.61 6.05 1.08
N ALA A 117 20.93 6.52 2.28
CA ALA A 117 22.26 6.31 2.84
C ALA A 117 22.17 6.36 4.37
N ILE A 118 23.16 5.75 5.01
CA ILE A 118 23.26 5.71 6.46
C ILE A 118 24.33 6.71 6.88
N ILE A 119 23.94 7.70 7.66
CA ILE A 119 24.87 8.68 8.19
C ILE A 119 25.34 8.20 9.55
N PHE A 120 26.62 7.85 9.65
CA PHE A 120 27.21 7.35 10.87
C PHE A 120 28.04 8.44 11.49
N CYS A 121 28.03 8.52 12.82
CA CYS A 121 28.84 9.49 13.56
C CYS A 121 29.82 8.77 14.46
N VAL A 122 31.02 9.32 14.59
CA VAL A 122 32.05 8.75 15.44
C VAL A 122 32.77 9.89 16.14
N ASP A 123 33.02 9.72 17.44
CA ASP A 123 33.76 10.70 18.22
C ASP A 123 35.18 10.18 18.43
N LEU A 124 36.16 10.91 17.92
CA LEU A 124 37.55 10.53 18.05
C LEU A 124 38.12 10.84 19.43
N SER A 125 37.37 11.55 20.28
CA SER A 125 37.85 11.94 21.60
C SER A 125 37.38 11.02 22.72
N ASP A 126 36.58 10.00 22.40
CA ASP A 126 36.05 9.08 23.41
C ASP A 126 36.64 7.70 23.16
N TYR A 127 37.80 7.45 23.75
CA TYR A 127 38.46 6.16 23.56
C TYR A 127 37.61 5.02 24.12
N ASN A 128 37.05 5.22 25.32
CA ASN A 128 36.27 4.15 25.93
C ASN A 128 35.11 3.72 25.05
N ARG A 129 34.43 4.67 24.42
CA ARG A 129 33.28 4.38 23.58
C ARG A 129 33.68 3.94 22.17
N MET A 130 34.98 3.97 21.85
CA MET A 130 35.40 3.64 20.48
C MET A 130 35.00 2.22 20.11
N HIS A 131 35.25 1.26 21.00
CA HIS A 131 34.92 -0.13 20.68
C HIS A 131 33.42 -0.30 20.48
N GLU A 132 32.60 0.34 21.31
CA GLU A 132 31.17 0.29 21.10
C GLU A 132 30.81 0.78 19.69
N SER A 133 31.44 1.87 19.25
CA SER A 133 31.16 2.38 17.92
C SER A 133 31.57 1.37 16.85
N LEU A 134 32.76 0.76 17.00
CA LEU A 134 33.19 -0.23 16.04
C LEU A 134 32.20 -1.37 15.94
N MET A 135 31.77 -1.90 17.08
CA MET A 135 30.81 -2.99 17.08
C MET A 135 29.55 -2.62 16.30
N LEU A 136 29.02 -1.41 16.55
CA LEU A 136 27.81 -0.99 15.86
C LEU A 136 28.03 -1.00 14.36
N PHE A 137 29.17 -0.47 13.90
CA PHE A 137 29.42 -0.37 12.47
C PHE A 137 29.40 -1.74 11.83
N ASP A 138 30.02 -2.73 12.48
CA ASP A 138 30.09 -4.06 11.89
C ASP A 138 28.69 -4.62 11.67
N SER A 139 27.81 -4.46 12.65
CA SER A 139 26.46 -4.99 12.52
C SER A 139 25.67 -4.23 11.46
N ILE A 140 25.74 -2.90 11.48
CA ILE A 140 24.98 -2.09 10.53
C ILE A 140 25.46 -2.36 9.11
N CYS A 141 26.77 -2.40 8.89
CA CYS A 141 27.27 -2.60 7.54
C CYS A 141 26.99 -4.01 7.03
N ASN A 142 26.96 -5.00 7.92
CA ASN A 142 26.80 -6.39 7.52
C ASN A 142 25.36 -6.90 7.67
N ASN A 143 24.42 -6.04 8.07
CA ASN A 143 23.03 -6.46 8.15
C ASN A 143 22.52 -6.82 6.76
N LYS A 144 21.73 -7.89 6.67
CA LYS A 144 21.30 -8.37 5.36
C LYS A 144 20.45 -7.34 4.65
N PHE A 145 19.73 -6.49 5.38
CA PHE A 145 18.92 -5.46 4.74
C PHE A 145 19.76 -4.35 4.14
N PHE A 146 20.82 -3.94 4.81
CA PHE A 146 21.68 -2.85 4.35
C PHE A 146 22.85 -3.37 3.52
N ILE A 147 22.69 -4.50 2.84
CA ILE A 147 23.75 -5.03 2.01
C ILE A 147 24.05 -4.14 0.81
N ASP A 148 23.22 -3.12 0.57
CA ASP A 148 23.37 -2.27 -0.60
C ASP A 148 23.28 -0.78 -0.32
N THR A 149 23.22 -0.35 0.94
CA THR A 149 23.09 1.06 1.26
C THR A 149 24.45 1.64 1.64
N SER A 150 24.89 2.67 0.92
CA SER A 150 26.16 3.29 1.21
C SER A 150 26.11 4.00 2.55
N ILE A 151 27.28 4.17 3.16
CA ILE A 151 27.41 4.76 4.49
C ILE A 151 28.22 6.04 4.37
N ILE A 152 27.69 7.13 4.90
CA ILE A 152 28.42 8.39 4.94
C ILE A 152 29.05 8.51 6.32
N LEU A 153 30.32 8.17 6.42
CA LEU A 153 31.01 8.13 7.71
C LEU A 153 31.48 9.53 8.09
N PHE A 154 31.10 9.98 9.28
CA PHE A 154 31.54 11.26 9.83
C PHE A 154 32.44 11.02 11.02
N LEU A 155 33.61 11.65 11.02
CA LEU A 155 34.54 11.60 12.15
C LEU A 155 34.56 13.00 12.76
N ASN A 156 34.00 13.12 13.96
CA ASN A 156 33.78 14.41 14.56
C ASN A 156 34.93 14.81 15.50
N LYS A 157 34.95 16.09 15.84
CA LYS A 157 35.84 16.62 16.87
C LYS A 157 37.30 16.32 16.57
N LYS A 158 37.78 16.89 15.46
CA LYS A 158 39.21 16.78 15.16
C LYS A 158 40.05 17.52 16.19
N ASP A 159 39.66 18.75 16.54
CA ASP A 159 40.49 19.56 17.41
C ASP A 159 40.65 18.93 18.79
N LEU A 160 39.56 18.39 19.34
CA LEU A 160 39.67 17.67 20.60
C LEU A 160 40.54 16.44 20.44
N PHE A 161 40.44 15.74 19.32
CA PHE A 161 41.31 14.61 19.07
C PHE A 161 42.77 15.05 19.01
N GLY A 162 43.05 16.15 18.32
CA GLY A 162 44.42 16.62 18.23
C GLY A 162 44.99 17.06 19.57
N GLU A 163 44.17 17.64 20.42
CA GLU A 163 44.66 18.08 21.73
C GLU A 163 44.83 16.91 22.69
N LYS A 164 43.92 15.94 22.64
CA LYS A 164 43.97 14.83 23.57
C LYS A 164 45.07 13.83 23.25
N ILE A 165 45.42 13.67 21.97
CA ILE A 165 46.43 12.69 21.60
C ILE A 165 47.76 13.01 22.25
N LYS A 166 48.08 14.30 22.37
CA LYS A 166 49.37 14.68 22.96
C LYS A 166 49.48 14.18 24.40
N LYS A 167 48.44 14.37 25.21
CA LYS A 167 48.50 13.97 26.60
C LYS A 167 48.40 12.45 26.75
N SER A 168 47.53 11.81 25.98
CA SER A 168 47.34 10.37 26.06
C SER A 168 47.61 9.74 24.69
N PRO A 169 48.67 8.95 24.52
CA PRO A 169 48.95 8.37 23.21
C PRO A 169 47.86 7.39 22.79
N LEU A 170 47.68 7.28 21.47
CA LEU A 170 46.67 6.40 20.89
C LEU A 170 47.17 4.95 20.91
N THR A 171 47.30 4.43 22.12
CA THR A 171 47.69 3.03 22.29
C THR A 171 46.74 2.33 23.26
N ILE A 172 46.21 3.06 24.23
CA ILE A 172 45.37 2.45 25.25
C ILE A 172 44.11 1.85 24.63
N CYS A 173 43.48 2.60 23.71
CA CYS A 173 42.31 2.06 23.02
C CYS A 173 42.73 1.06 21.95
N PHE A 174 43.89 1.27 21.34
CA PHE A 174 44.39 0.43 20.26
C PHE A 174 45.80 -0.05 20.60
N PRO A 175 45.93 -1.11 21.40
CA PRO A 175 47.27 -1.61 21.72
C PRO A 175 48.02 -2.12 20.50
N GLU A 176 47.33 -2.43 19.41
CA GLU A 176 47.96 -2.94 18.20
C GLU A 176 48.55 -1.83 17.34
N TYR A 177 48.34 -0.56 17.70
CA TYR A 177 48.83 0.54 16.89
C TYR A 177 50.36 0.55 16.88
N THR A 178 50.94 0.84 15.71
CA THR A 178 52.38 0.81 15.53
C THR A 178 52.94 2.07 14.88
N GLY A 179 52.11 2.89 14.24
CA GLY A 179 52.61 4.06 13.56
C GLY A 179 52.99 5.16 14.52
N PRO A 180 53.42 6.29 13.96
CA PRO A 180 53.80 7.43 14.80
C PRO A 180 52.65 7.94 15.65
N ASN A 181 52.95 8.85 16.57
CA ASN A 181 51.94 9.48 17.43
C ASN A 181 51.53 10.84 16.88
N THR A 182 51.54 10.97 15.56
CA THR A 182 51.20 12.23 14.91
C THR A 182 49.73 12.23 14.49
N TYR A 183 49.20 13.44 14.36
CA TYR A 183 47.78 13.59 14.08
C TYR A 183 47.39 12.90 12.78
N GLU A 184 48.12 13.16 11.69
CA GLU A 184 47.70 12.64 10.39
C GLU A 184 47.65 11.13 10.40
N ASP A 185 48.69 10.48 10.90
CA ASP A 185 48.71 9.01 10.90
C ASP A 185 47.60 8.45 11.76
N ALA A 186 47.39 9.03 12.95
CA ALA A 186 46.34 8.52 13.82
C ALA A 186 44.98 8.60 13.16
N ALA A 187 44.65 9.77 12.59
CA ALA A 187 43.37 9.91 11.93
C ALA A 187 43.23 8.95 10.77
N ALA A 188 44.32 8.76 10.03
CA ALA A 188 44.28 7.82 8.92
C ALA A 188 44.02 6.40 9.41
N TYR A 189 44.68 5.99 10.49
CA TYR A 189 44.51 4.62 10.97
C TYR A 189 43.10 4.37 11.46
N ILE A 190 42.55 5.30 12.24
CA ILE A 190 41.19 5.11 12.76
C ILE A 190 40.22 4.91 11.61
N GLN A 191 40.39 5.68 10.53
CA GLN A 191 39.52 5.51 9.38
C GLN A 191 39.64 4.11 8.81
N ALA A 192 40.86 3.58 8.72
CA ALA A 192 41.06 2.27 8.09
C ALA A 192 40.33 1.18 8.87
N GLN A 193 40.39 1.24 10.20
CA GLN A 193 39.68 0.26 11.01
C GLN A 193 38.19 0.25 10.66
N PHE A 194 37.60 1.43 10.56
CA PHE A 194 36.19 1.51 10.21
C PHE A 194 35.93 0.96 8.83
N GLU A 195 36.78 1.30 7.86
CA GLU A 195 36.63 0.74 6.52
C GLU A 195 36.94 -0.74 6.48
N SER A 196 37.76 -1.24 7.41
CA SER A 196 38.12 -2.65 7.41
C SER A 196 36.95 -3.57 7.69
N LYS A 197 35.82 -3.02 8.15
CA LYS A 197 34.63 -3.82 8.42
C LYS A 197 33.72 -3.94 7.21
N ASN A 198 34.11 -3.43 6.05
CA ASN A 198 33.27 -3.56 4.87
C ASN A 198 32.97 -5.02 4.57
N ARG A 199 34.00 -5.78 4.21
CA ARG A 199 33.85 -7.21 3.95
C ARG A 199 32.74 -7.48 2.94
N SER A 200 32.62 -6.60 1.94
CA SER A 200 31.62 -6.79 0.91
C SER A 200 31.84 -5.81 -0.24
N PRO A 201 31.54 -6.19 -1.48
CA PRO A 201 31.65 -5.25 -2.60
C PRO A 201 30.32 -4.52 -2.85
N ASN A 202 30.37 -3.57 -3.77
CA ASN A 202 29.24 -2.78 -4.21
C ASN A 202 28.81 -1.74 -3.18
N LYS A 203 29.41 -1.73 -2.00
CA LYS A 203 29.06 -0.81 -0.93
C LYS A 203 30.28 0.06 -0.64
N GLU A 204 30.11 1.38 -0.76
CA GLU A 204 31.21 2.32 -0.62
C GLU A 204 30.94 3.28 0.52
N ILE A 205 32.01 3.74 1.15
CA ILE A 205 31.95 4.57 2.35
C ILE A 205 32.60 5.91 2.01
N TYR A 206 31.88 7.01 2.27
CA TYR A 206 32.37 8.36 1.98
C TYR A 206 32.79 9.01 3.28
N CYS A 207 34.01 8.69 3.73
CA CYS A 207 34.51 9.18 5.01
C CYS A 207 34.81 10.67 4.93
N HIS A 208 34.59 11.36 6.04
CA HIS A 208 34.88 12.79 6.13
C HIS A 208 35.27 13.14 7.56
N MET A 209 35.97 14.26 7.70
CA MET A 209 36.38 14.80 9.00
C MET A 209 35.72 16.15 9.17
N THR A 210 35.10 16.37 10.33
CA THR A 210 34.41 17.63 10.61
C THR A 210 34.80 18.12 12.00
N CYS A 211 34.76 19.43 12.17
CA CYS A 211 35.02 20.09 13.44
C CYS A 211 33.72 20.67 13.99
N ALA A 212 33.81 21.24 15.19
CA ALA A 212 32.64 21.92 15.76
C ALA A 212 32.24 23.12 14.91
N THR A 213 33.21 23.92 14.50
CA THR A 213 32.95 25.13 13.72
C THR A 213 33.10 24.85 12.22
N ASP A 214 32.25 23.94 11.73
CA ASP A 214 32.25 23.56 10.32
C ASP A 214 30.84 23.75 9.77
N THR A 215 30.66 24.81 8.98
CA THR A 215 29.34 25.10 8.41
C THR A 215 29.02 24.20 7.23
N ASN A 216 30.03 23.80 6.47
CA ASN A 216 29.81 23.05 5.23
C ASN A 216 29.72 21.55 5.48
N ASN A 217 28.77 21.13 6.31
CA ASN A 217 28.48 19.71 6.47
C ASN A 217 27.44 19.22 5.49
N ALA A 218 26.42 20.04 5.20
CA ALA A 218 25.40 19.64 4.24
C ALA A 218 26.00 19.42 2.87
N GLN A 219 26.93 20.30 2.47
CA GLN A 219 27.56 20.16 1.17
C GLN A 219 28.17 18.76 1.00
N VAL A 220 28.71 18.21 2.08
CA VAL A 220 29.31 16.88 2.00
C VAL A 220 28.25 15.82 1.81
N ILE A 221 27.14 15.94 2.53
CA ILE A 221 26.03 15.00 2.33
C ILE A 221 25.48 15.12 0.92
N PHE A 222 25.30 16.34 0.45
CA PHE A 222 24.69 16.55 -0.86
C PHE A 222 25.48 15.86 -1.96
N ASP A 223 26.79 16.11 -2.02
CA ASP A 223 27.59 15.54 -3.09
C ASP A 223 27.64 14.02 -2.99
N ALA A 224 27.83 13.49 -1.78
CA ALA A 224 27.90 12.04 -1.62
C ALA A 224 26.58 11.38 -1.98
N VAL A 225 25.46 12.03 -1.65
CA VAL A 225 24.17 11.51 -2.07
C VAL A 225 24.09 11.44 -3.58
N THR A 226 24.67 12.42 -4.28
CA THR A 226 24.65 12.39 -5.73
C THR A 226 25.32 11.15 -6.28
N ASP A 227 26.45 10.74 -5.70
CA ASP A 227 27.16 9.57 -6.20
C ASP A 227 26.40 8.29 -5.88
N ILE A 228 25.73 8.24 -4.73
CA ILE A 228 24.96 7.05 -4.39
C ILE A 228 23.81 6.88 -5.37
N ILE A 229 23.10 7.96 -5.67
CA ILE A 229 21.99 7.87 -6.61
C ILE A 229 22.47 7.40 -7.97
N ILE A 230 23.58 7.97 -8.44
CA ILE A 230 24.13 7.57 -9.72
C ILE A 230 24.46 6.08 -9.71
N ALA A 231 24.91 5.56 -8.58
CA ALA A 231 25.18 4.13 -8.48
C ALA A 231 23.91 3.32 -8.65
N ASN A 232 22.80 3.77 -8.05
CA ASN A 232 21.55 3.03 -8.17
C ASN A 232 21.03 3.04 -9.60
N ASN A 233 20.96 4.21 -10.23
CA ASN A 233 20.44 4.29 -11.58
C ASN A 233 21.24 3.41 -12.51
N LEU A 234 22.54 3.27 -12.26
CA LEU A 234 23.35 2.37 -13.06
C LEU A 234 22.87 0.94 -12.92
N ARG A 235 22.40 0.57 -11.73
CA ARG A 235 21.83 -0.77 -11.54
C ARG A 235 20.49 -0.91 -12.25
N GLY A 236 19.62 0.10 -12.10
CA GLY A 236 18.31 0.01 -12.72
C GLY A 236 18.38 0.02 -14.23
N CYS A 237 19.21 0.90 -14.80
CA CYS A 237 19.31 1.03 -16.24
C CYS A 237 20.00 -0.17 -16.89
N GLY A 238 20.56 -1.07 -16.11
CA GLY A 238 21.17 -2.28 -16.64
C GLY A 238 22.62 -2.14 -17.06
N LEU A 239 23.21 -0.97 -16.91
CA LEU A 239 24.61 -0.79 -17.28
C LEU A 239 25.56 -1.58 -16.40
N TYR A 240 25.09 -2.07 -15.25
CA TYR A 240 25.95 -2.83 -14.35
C TYR A 240 25.39 -4.22 -14.14
N ASP B 15 19.66 -17.74 45.68
CA ASP B 15 20.49 -18.93 45.74
C ASP B 15 19.62 -20.20 45.75
N GLN B 16 18.95 -20.47 46.88
CA GLN B 16 18.08 -21.63 46.95
C GLN B 16 16.90 -21.50 46.00
N LEU B 17 16.34 -20.30 45.88
CA LEU B 17 15.21 -20.09 44.99
C LEU B 17 15.54 -20.51 43.57
N ARG B 18 16.80 -20.34 43.16
CA ARG B 18 17.21 -20.77 41.83
C ARG B 18 17.03 -22.28 41.68
N GLN B 19 17.40 -23.05 42.71
CA GLN B 19 17.14 -24.48 42.68
C GLN B 19 15.63 -24.75 42.65
N GLU B 20 14.86 -23.99 43.43
CA GLU B 20 13.42 -24.16 43.42
C GLU B 20 12.85 -23.87 42.04
N ALA B 21 13.39 -22.86 41.36
CA ALA B 21 12.95 -22.57 40.00
C ALA B 21 13.27 -23.74 39.07
N GLU B 22 14.47 -24.30 39.19
CA GLU B 22 14.86 -25.38 38.30
C GLU B 22 13.99 -26.62 38.52
N GLN B 23 13.74 -26.99 39.77
CA GLN B 23 12.94 -28.18 40.03
C GLN B 23 11.49 -27.96 39.63
N LEU B 24 10.97 -26.75 39.79
CA LEU B 24 9.60 -26.48 39.36
C LEU B 24 9.44 -26.72 37.87
N LYS B 25 10.39 -26.24 37.07
CA LYS B 25 10.34 -26.50 35.64
C LYS B 25 10.32 -28.00 35.36
N ASN B 26 11.10 -28.77 36.13
CA ASN B 26 11.12 -30.22 35.93
C ASN B 26 9.76 -30.83 36.21
N GLN B 27 9.08 -30.38 37.27
CA GLN B 27 7.75 -30.91 37.57
C GLN B 27 6.80 -30.64 36.41
N ILE B 28 6.83 -29.44 35.85
CA ILE B 28 5.97 -29.12 34.72
C ILE B 28 6.31 -30.01 33.53
N ARG B 29 7.59 -30.16 33.23
CA ARG B 29 7.99 -31.02 32.14
C ARG B 29 7.53 -32.46 32.37
N ASP B 30 7.68 -32.94 33.61
CA ASP B 30 7.25 -34.30 33.91
C ASP B 30 5.74 -34.44 33.76
N ALA B 31 4.98 -33.50 34.33
CA ALA B 31 3.53 -33.55 34.20
C ALA B 31 3.11 -33.39 32.74
N ARG B 32 3.79 -32.52 32.00
CA ARG B 32 3.48 -32.35 30.59
C ARG B 32 3.69 -33.65 29.83
N LYS B 33 4.77 -34.36 30.13
CA LYS B 33 5.08 -35.59 29.39
C LYS B 33 4.07 -36.70 29.71
N ALA B 34 3.58 -36.75 30.95
CA ALA B 34 2.67 -37.82 31.32
C ALA B 34 1.40 -37.79 30.48
N CYS B 35 0.87 -36.59 30.23
CA CYS B 35 -0.36 -36.49 29.45
C CYS B 35 -0.15 -36.97 28.02
N ALA B 36 0.99 -36.65 27.42
CA ALA B 36 1.24 -37.04 26.04
C ALA B 36 1.14 -38.55 25.88
N ASP B 37 0.13 -38.99 25.15
CA ASP B 37 -0.05 -40.41 24.84
C ASP B 37 0.14 -40.71 23.36
N ALA B 38 -0.44 -39.90 22.49
CA ALA B 38 -0.31 -40.12 21.05
C ALA B 38 -0.28 -38.76 20.36
N THR B 39 0.48 -38.69 19.27
CA THR B 39 0.60 -37.45 18.52
C THR B 39 -0.67 -37.14 17.76
N LEU B 40 -0.85 -35.87 17.42
CA LEU B 40 -2.00 -35.49 16.61
C LEU B 40 -1.99 -36.23 15.28
N SER B 41 -0.85 -36.29 14.62
CA SER B 41 -0.76 -37.01 13.35
C SER B 41 -1.08 -38.49 13.51
N GLN B 42 -0.96 -39.04 14.72
CA GLN B 42 -1.23 -40.45 14.94
C GLN B 42 -2.70 -40.74 15.17
N ILE B 43 -3.48 -39.76 15.63
CA ILE B 43 -4.90 -39.95 15.87
C ILE B 43 -5.66 -39.71 14.58
N THR B 44 -5.18 -38.76 13.78
CA THR B 44 -5.86 -38.33 12.57
C THR B 44 -5.18 -38.85 11.31
N ASN B 45 -4.55 -40.02 11.38
CA ASN B 45 -3.84 -40.55 10.22
C ASN B 45 -4.80 -41.10 9.18
N ASN B 46 -5.99 -41.54 9.58
CA ASN B 46 -6.96 -42.11 8.66
C ASN B 46 -7.96 -41.09 8.13
N ILE B 47 -7.85 -39.83 8.52
CA ILE B 47 -8.69 -38.78 7.96
C ILE B 47 -8.26 -38.52 6.52
N ASP B 48 -9.21 -38.54 5.60
CA ASP B 48 -8.88 -38.35 4.20
C ASP B 48 -8.29 -36.96 3.99
N PRO B 49 -7.32 -36.79 3.09
CA PRO B 49 -6.72 -35.47 2.88
C PRO B 49 -7.71 -34.44 2.39
N VAL B 50 -7.27 -33.19 2.27
CA VAL B 50 -8.11 -32.10 1.78
C VAL B 50 -7.90 -31.82 0.30
N GLY B 51 -6.93 -32.46 -0.33
CA GLY B 51 -6.68 -32.24 -1.74
C GLY B 51 -5.89 -30.98 -2.00
N ARG B 52 -5.77 -30.66 -3.29
CA ARG B 52 -5.03 -29.48 -3.72
C ARG B 52 -5.96 -28.28 -3.73
N ILE B 53 -5.70 -27.31 -2.86
CA ILE B 53 -6.53 -26.12 -2.74
C ILE B 53 -6.01 -25.10 -3.76
N GLN B 54 -6.80 -24.89 -4.81
CA GLN B 54 -6.47 -23.90 -5.83
C GLN B 54 -7.33 -22.66 -5.59
N MET B 55 -6.66 -21.54 -5.31
CA MET B 55 -7.33 -20.27 -5.03
C MET B 55 -6.73 -19.20 -5.93
N ARG B 56 -7.58 -18.51 -6.67
CA ARG B 56 -7.15 -17.57 -7.70
C ARG B 56 -7.51 -16.15 -7.30
N THR B 57 -6.60 -15.22 -7.57
CA THR B 57 -6.80 -13.83 -7.17
C THR B 57 -8.08 -13.27 -7.78
N ARG B 58 -8.87 -12.60 -6.95
CA ARG B 58 -10.11 -11.98 -7.38
C ARG B 58 -10.07 -10.47 -7.41
N ARG B 59 -9.33 -9.83 -6.52
CA ARG B 59 -9.21 -8.38 -6.50
C ARG B 59 -7.74 -8.01 -6.30
N THR B 60 -7.40 -6.81 -6.75
CA THR B 60 -6.04 -6.29 -6.61
C THR B 60 -6.17 -4.84 -6.18
N LEU B 61 -6.16 -4.61 -4.88
CA LEU B 61 -6.34 -3.28 -4.33
C LEU B 61 -5.01 -2.53 -4.41
N ARG B 62 -4.94 -1.53 -5.28
CA ARG B 62 -3.73 -0.71 -5.41
C ARG B 62 -4.08 0.74 -5.17
N GLY B 63 -3.06 1.52 -4.83
CA GLY B 63 -3.24 2.89 -4.41
C GLY B 63 -2.25 3.25 -3.33
N HIS B 64 -1.63 2.24 -2.74
CA HIS B 64 -0.55 2.47 -1.79
C HIS B 64 0.76 2.70 -2.52
N LEU B 65 1.58 3.60 -1.99
CA LEU B 65 2.87 3.92 -2.60
C LEU B 65 4.01 3.15 -1.96
N ALA B 66 4.16 3.27 -0.64
CA ALA B 66 5.22 2.59 0.08
C ALA B 66 4.81 1.15 0.36
N LYS B 67 5.56 0.48 1.24
CA LYS B 67 5.27 -0.89 1.64
C LYS B 67 4.09 -0.92 2.59
N ILE B 68 3.43 -2.08 2.66
CA ILE B 68 2.26 -2.27 3.52
C ILE B 68 2.63 -3.16 4.69
N TYR B 69 2.32 -2.72 5.90
CA TYR B 69 2.80 -3.37 7.11
C TYR B 69 1.71 -4.02 7.95
N ALA B 70 0.44 -3.70 7.72
CA ALA B 70 -0.63 -4.27 8.52
C ALA B 70 -1.93 -4.17 7.75
N MET B 71 -2.89 -5.00 8.16
CA MET B 71 -4.19 -5.05 7.49
C MET B 71 -5.16 -5.77 8.42
N HIS B 72 -6.41 -5.33 8.42
CA HIS B 72 -7.45 -5.95 9.23
C HIS B 72 -8.77 -5.92 8.48
N TRP B 73 -9.58 -6.95 8.70
CA TRP B 73 -10.88 -7.08 8.07
C TRP B 73 -11.96 -6.54 9.00
N GLY B 74 -12.92 -5.83 8.43
CA GLY B 74 -14.06 -5.41 9.21
C GLY B 74 -14.93 -6.60 9.59
N THR B 75 -15.71 -6.42 10.66
CA THR B 75 -16.53 -7.52 11.14
C THR B 75 -17.56 -7.96 10.11
N ASP B 76 -17.95 -7.06 9.22
CA ASP B 76 -18.97 -7.35 8.23
C ASP B 76 -18.39 -7.96 6.96
N SER B 77 -17.11 -8.27 6.93
CA SER B 77 -16.47 -9.02 5.85
C SER B 77 -16.50 -8.28 4.53
N ARG B 78 -16.66 -6.98 4.54
CA ARG B 78 -16.66 -6.22 3.30
C ARG B 78 -15.65 -5.08 3.29
N LEU B 79 -15.46 -4.41 4.42
CA LEU B 79 -14.54 -3.29 4.49
C LEU B 79 -13.16 -3.76 4.93
N LEU B 80 -12.14 -3.10 4.41
CA LEU B 80 -10.74 -3.41 4.71
C LEU B 80 -10.08 -2.16 5.27
N VAL B 81 -8.99 -2.36 6.00
CA VAL B 81 -8.13 -1.26 6.42
C VAL B 81 -6.69 -1.72 6.29
N SER B 82 -5.86 -0.90 5.65
CA SER B 82 -4.46 -1.23 5.44
C SER B 82 -3.61 -0.03 5.83
N ALA B 83 -2.49 -0.30 6.48
CA ALA B 83 -1.55 0.73 6.88
C ALA B 83 -0.24 0.54 6.16
N SER B 84 0.30 1.61 5.60
CA SER B 84 1.53 1.57 4.84
C SER B 84 2.55 2.52 5.44
N GLN B 85 3.78 2.45 4.91
CA GLN B 85 4.86 3.26 5.42
C GLN B 85 4.81 4.69 4.91
N ASP B 86 3.93 5.00 3.96
CA ASP B 86 3.85 6.32 3.36
C ASP B 86 2.99 7.27 4.15
N GLY B 87 2.54 6.88 5.34
CA GLY B 87 1.76 7.77 6.16
C GLY B 87 0.30 7.89 5.78
N LYS B 88 -0.26 6.87 5.13
CA LYS B 88 -1.66 6.86 4.74
C LYS B 88 -2.33 5.61 5.30
N LEU B 89 -3.54 5.77 5.81
CA LEU B 89 -4.36 4.68 6.32
C LEU B 89 -5.62 4.65 5.47
N ILE B 90 -5.76 3.62 4.64
CA ILE B 90 -6.83 3.52 3.66
C ILE B 90 -7.85 2.51 4.15
N ILE B 91 -9.13 2.80 3.91
CA ILE B 91 -10.22 1.86 4.17
C ILE B 91 -10.85 1.51 2.84
N TRP B 92 -10.71 0.25 2.44
CA TRP B 92 -11.15 -0.20 1.12
C TRP B 92 -12.54 -0.82 1.20
N ASP B 93 -13.26 -0.73 0.09
CA ASP B 93 -14.45 -1.53 -0.12
C ASP B 93 -14.02 -2.77 -0.91
N SER B 94 -14.06 -3.93 -0.26
CA SER B 94 -13.51 -5.13 -0.88
C SER B 94 -14.23 -5.46 -2.18
N TYR B 95 -15.56 -5.40 -2.19
CA TYR B 95 -16.31 -5.89 -3.34
C TYR B 95 -16.07 -5.02 -4.57
N THR B 96 -16.11 -3.70 -4.42
CA THR B 96 -16.01 -2.78 -5.54
C THR B 96 -14.65 -2.14 -5.70
N THR B 97 -13.70 -2.44 -4.82
CA THR B 97 -12.35 -1.86 -4.89
C THR B 97 -12.40 -0.34 -4.85
N ASN B 98 -13.34 0.22 -4.11
CA ASN B 98 -13.42 1.66 -3.92
C ASN B 98 -12.70 2.04 -2.63
N LYS B 99 -12.31 3.30 -2.55
CA LYS B 99 -11.58 3.82 -1.38
C LYS B 99 -12.55 4.63 -0.54
N VAL B 100 -13.05 4.02 0.53
CA VAL B 100 -14.03 4.70 1.39
C VAL B 100 -13.38 5.87 2.11
N HIS B 101 -12.18 5.66 2.65
CA HIS B 101 -11.50 6.69 3.44
C HIS B 101 -10.01 6.62 3.18
N ALA B 102 -9.34 7.73 3.46
CA ALA B 102 -7.88 7.78 3.43
C ALA B 102 -7.44 8.75 4.50
N ILE B 103 -6.88 8.24 5.58
CA ILE B 103 -6.58 9.02 6.78
C ILE B 103 -5.09 9.33 6.79
N PRO B 104 -4.68 10.59 6.79
CA PRO B 104 -3.26 10.89 6.98
C PRO B 104 -2.84 10.64 8.41
N LEU B 105 -1.60 10.17 8.58
CA LEU B 105 -1.06 9.84 9.89
C LEU B 105 0.01 10.84 10.30
N ARG B 106 0.08 11.12 11.60
CA ARG B 106 1.11 12.04 12.09
C ARG B 106 2.50 11.46 11.89
N SER B 107 2.68 10.17 12.12
CA SER B 107 3.96 9.50 11.99
C SER B 107 3.90 8.49 10.86
N SER B 108 4.88 8.56 9.96
CA SER B 108 4.91 7.68 8.79
C SER B 108 5.29 6.25 9.13
N TRP B 109 5.76 5.98 10.35
CA TRP B 109 6.23 4.66 10.73
C TRP B 109 5.11 3.95 11.48
N VAL B 110 4.48 2.99 10.80
CA VAL B 110 3.34 2.27 11.32
C VAL B 110 3.61 0.78 11.15
N MET B 111 3.30 0.01 12.19
CA MET B 111 3.49 -1.44 12.15
C MET B 111 2.26 -2.21 12.58
N THR B 112 1.10 -1.57 12.64
CA THR B 112 -0.12 -2.26 13.00
C THR B 112 -1.33 -1.40 12.65
N CYS B 113 -2.49 -2.05 12.62
CA CYS B 113 -3.75 -1.34 12.38
C CYS B 113 -4.89 -2.30 12.71
N ALA B 114 -5.91 -1.78 13.37
CA ALA B 114 -7.02 -2.60 13.84
C ALA B 114 -8.35 -1.94 13.48
N TYR B 115 -9.33 -2.78 13.20
CA TYR B 115 -10.69 -2.35 12.89
C TYR B 115 -11.61 -2.78 14.01
N ALA B 116 -12.35 -1.82 14.58
CA ALA B 116 -13.20 -2.13 15.70
C ALA B 116 -14.31 -3.09 15.28
N PRO B 117 -14.79 -3.93 16.20
CA PRO B 117 -15.88 -4.85 15.81
C PRO B 117 -17.12 -4.11 15.31
N SER B 118 -17.45 -2.96 15.91
CA SER B 118 -18.66 -2.25 15.54
C SER B 118 -18.50 -1.44 14.27
N GLY B 119 -17.28 -1.23 13.80
CA GLY B 119 -17.05 -0.46 12.60
C GLY B 119 -16.97 1.04 12.79
N ASN B 120 -17.11 1.53 14.02
CA ASN B 120 -17.06 2.96 14.27
C ASN B 120 -15.65 3.51 14.40
N TYR B 121 -14.69 2.68 14.82
CA TYR B 121 -13.35 3.13 15.14
C TYR B 121 -12.31 2.33 14.37
N VAL B 122 -11.11 2.90 14.27
CA VAL B 122 -9.96 2.23 13.67
C VAL B 122 -8.71 2.74 14.37
N ALA B 123 -7.77 1.85 14.64
CA ALA B 123 -6.60 2.16 15.44
C ALA B 123 -5.32 1.94 14.64
N CYS B 124 -4.25 2.62 15.06
CA CYS B 124 -2.99 2.61 14.34
C CYS B 124 -1.86 2.87 15.32
N GLY B 125 -0.66 2.42 14.95
CA GLY B 125 0.49 2.59 15.81
C GLY B 125 1.74 2.12 15.12
N GLY B 126 2.88 2.45 15.73
CA GLY B 126 4.16 2.09 15.17
C GLY B 126 5.33 2.58 15.99
N LEU B 127 6.40 3.03 15.33
CA LEU B 127 7.61 3.43 16.04
C LEU B 127 7.39 4.63 16.96
N ASP B 128 6.30 5.38 16.80
CA ASP B 128 6.09 6.55 17.64
C ASP B 128 5.63 6.18 19.04
N ASN B 129 5.44 4.90 19.34
CA ASN B 129 5.07 4.44 20.68
C ASN B 129 3.72 4.97 21.13
N ILE B 130 2.85 5.33 20.20
CA ILE B 130 1.53 5.86 20.52
C ILE B 130 0.49 5.09 19.72
N CYS B 131 -0.55 4.64 20.40
CA CYS B 131 -1.66 3.92 19.77
C CYS B 131 -2.79 4.91 19.53
N SER B 132 -2.89 5.40 18.30
CA SER B 132 -3.90 6.39 17.93
C SER B 132 -5.21 5.69 17.60
N ILE B 133 -6.32 6.35 17.92
CA ILE B 133 -7.65 5.86 17.60
C ILE B 133 -8.39 6.93 16.82
N TYR B 134 -8.93 6.56 15.67
CA TYR B 134 -9.65 7.47 14.81
C TYR B 134 -11.13 7.13 14.82
N ASN B 135 -11.97 8.17 14.74
CA ASN B 135 -13.42 8.04 14.77
C ASN B 135 -13.96 8.25 13.36
N LEU B 136 -14.69 7.26 12.85
CA LEU B 136 -15.14 7.31 11.46
C LEU B 136 -16.55 7.83 11.30
N LYS B 137 -17.44 7.57 12.26
CA LYS B 137 -18.82 8.05 12.19
C LYS B 137 -18.91 9.38 12.94
N THR B 138 -18.27 10.39 12.37
CA THR B 138 -18.27 11.73 12.94
C THR B 138 -19.37 12.57 12.32
N ARG B 139 -19.89 13.52 13.10
CA ARG B 139 -20.90 14.44 12.60
C ARG B 139 -20.36 15.36 11.52
N GLU B 140 -19.06 15.65 11.53
CA GLU B 140 -18.48 16.58 10.57
C GLU B 140 -18.13 15.94 9.24
N GLY B 141 -18.22 14.61 9.12
CA GLY B 141 -17.99 13.96 7.86
C GLY B 141 -16.55 13.67 7.52
N ASN B 142 -15.59 14.05 8.35
CA ASN B 142 -14.20 13.72 8.15
C ASN B 142 -13.68 12.94 9.35
N VAL B 143 -12.68 12.11 9.10
CA VAL B 143 -12.12 11.24 10.14
C VAL B 143 -11.25 12.08 11.05
N ARG B 144 -11.43 11.92 12.37
CA ARG B 144 -10.67 12.68 13.35
C ARG B 144 -10.05 11.73 14.37
N VAL B 145 -8.98 12.20 15.01
CA VAL B 145 -8.29 11.42 16.02
C VAL B 145 -8.98 11.65 17.36
N SER B 146 -9.71 10.64 17.84
CA SER B 146 -10.45 10.82 19.08
C SER B 146 -9.53 10.80 20.29
N ARG B 147 -8.56 9.88 20.30
CA ARG B 147 -7.65 9.76 21.44
C ARG B 147 -6.27 9.33 20.96
N GLU B 148 -5.26 9.72 21.72
CA GLU B 148 -3.88 9.27 21.51
C GLU B 148 -3.42 8.63 22.81
N LEU B 149 -3.20 7.32 22.77
CA LEU B 149 -2.84 6.56 23.95
C LEU B 149 -1.32 6.47 24.05
N ALA B 150 -0.77 6.89 25.19
CA ALA B 150 0.66 6.88 25.42
C ALA B 150 0.96 6.22 26.75
N GLY B 151 2.19 5.75 26.89
CA GLY B 151 2.62 5.07 28.10
C GLY B 151 3.59 3.94 27.83
N HIS B 152 3.62 3.46 26.60
CA HIS B 152 4.62 2.47 26.21
C HIS B 152 5.94 3.16 25.93
N THR B 153 7.03 2.53 26.36
CA THR B 153 8.37 3.08 26.15
C THR B 153 9.07 2.51 24.92
N GLY B 154 8.38 1.69 24.12
CA GLY B 154 8.95 1.17 22.90
C GLY B 154 7.90 1.10 21.81
N TYR B 155 8.33 0.70 20.62
CA TYR B 155 7.41 0.64 19.49
C TYR B 155 6.22 -0.25 19.82
N LEU B 156 5.19 -0.15 18.99
CA LEU B 156 3.94 -0.85 19.23
C LEU B 156 3.74 -1.92 18.16
N SER B 157 3.49 -3.15 18.57
CA SER B 157 3.49 -4.29 17.67
C SER B 157 2.12 -4.65 17.14
N CYS B 158 1.12 -4.79 17.99
CA CYS B 158 -0.21 -5.18 17.53
C CYS B 158 -1.27 -4.51 18.38
N CYS B 159 -2.43 -4.29 17.78
CA CYS B 159 -3.56 -3.66 18.44
C CYS B 159 -4.80 -4.48 18.17
N ARG B 160 -5.69 -4.55 19.15
CA ARG B 160 -6.93 -5.29 18.97
C ARG B 160 -8.01 -4.67 19.86
N PHE B 161 -9.21 -4.54 19.30
CA PHE B 161 -10.33 -3.97 20.04
C PHE B 161 -11.09 -5.05 20.77
N LEU B 162 -11.48 -4.76 22.01
CA LEU B 162 -12.41 -5.59 22.76
C LEU B 162 -13.83 -5.09 22.68
N ASP B 163 -14.03 -3.78 22.77
CA ASP B 163 -15.31 -3.14 22.56
C ASP B 163 -15.03 -1.77 21.95
N ASP B 164 -16.03 -0.89 21.96
CA ASP B 164 -15.79 0.46 21.48
C ASP B 164 -15.07 1.32 22.50
N ASN B 165 -14.78 0.79 23.70
CA ASN B 165 -14.10 1.57 24.72
C ASN B 165 -13.03 0.75 25.43
N GLN B 166 -12.28 -0.08 24.69
CA GLN B 166 -11.25 -0.91 25.30
C GLN B 166 -10.38 -1.50 24.20
N ILE B 167 -9.06 -1.40 24.36
CA ILE B 167 -8.11 -1.85 23.36
C ILE B 167 -6.92 -2.49 24.05
N VAL B 168 -6.43 -3.60 23.51
CA VAL B 168 -5.29 -4.32 24.05
C VAL B 168 -4.12 -4.17 23.08
N THR B 169 -2.97 -3.76 23.60
CA THR B 169 -1.82 -3.43 22.76
C THR B 169 -0.60 -4.22 23.20
N SER B 170 0.34 -4.37 22.27
CA SER B 170 1.59 -5.07 22.51
C SER B 170 2.75 -4.24 22.01
N SER B 171 3.77 -4.09 22.85
CA SER B 171 4.90 -3.22 22.57
C SER B 171 6.20 -4.00 22.62
N GLY B 172 7.26 -3.36 22.17
CA GLY B 172 8.59 -3.90 22.31
C GLY B 172 9.18 -3.74 23.69
N ASP B 173 8.43 -3.14 24.61
CA ASP B 173 8.87 -2.99 25.98
C ASP B 173 8.81 -4.29 26.75
N THR B 174 8.43 -5.39 26.12
CA THR B 174 8.22 -6.68 26.79
C THR B 174 6.95 -6.67 27.64
N THR B 175 5.96 -5.88 27.26
CA THR B 175 4.74 -5.75 28.04
C THR B 175 3.56 -5.46 27.14
N CYS B 176 2.42 -6.03 27.49
CA CYS B 176 1.14 -5.70 26.89
C CYS B 176 0.30 -4.95 27.92
N ALA B 177 -0.80 -4.36 27.45
CA ALA B 177 -1.62 -3.53 28.31
C ALA B 177 -3.07 -3.59 27.86
N LEU B 178 -3.96 -3.21 28.78
CA LEU B 178 -5.38 -3.10 28.50
C LEU B 178 -5.82 -1.68 28.84
N TRP B 179 -6.27 -0.94 27.83
CA TRP B 179 -6.55 0.47 27.98
C TRP B 179 -8.04 0.71 28.21
N ASP B 180 -8.35 1.96 28.57
CA ASP B 180 -9.71 2.47 28.65
C ASP B 180 -9.77 3.72 27.79
N ILE B 181 -10.28 3.57 26.56
CA ILE B 181 -10.16 4.63 25.58
C ILE B 181 -10.79 5.92 26.08
N GLU B 182 -11.93 5.82 26.76
CA GLU B 182 -12.61 7.02 27.22
C GLU B 182 -11.70 7.87 28.10
N THR B 183 -11.25 7.32 29.23
CA THR B 183 -10.43 8.09 30.15
C THR B 183 -9.04 8.32 29.59
N GLY B 184 -8.46 7.31 28.94
CA GLY B 184 -7.13 7.42 28.36
C GLY B 184 -6.03 6.81 29.20
N GLN B 185 -6.35 6.18 30.33
CA GLN B 185 -5.34 5.59 31.18
C GLN B 185 -5.13 4.11 30.83
N GLN B 186 -4.25 3.48 31.60
CA GLN B 186 -3.86 2.09 31.38
C GLN B 186 -4.44 1.23 32.50
N THR B 187 -5.59 0.62 32.25
CA THR B 187 -6.31 -0.06 33.33
C THR B 187 -5.47 -1.19 33.93
N THR B 188 -4.96 -2.08 33.08
CA THR B 188 -4.20 -3.24 33.55
C THR B 188 -3.00 -3.45 32.64
N THR B 189 -1.87 -3.78 33.26
CA THR B 189 -0.61 -3.99 32.55
C THR B 189 -0.15 -5.43 32.79
N PHE B 190 0.30 -6.09 31.72
CA PHE B 190 0.74 -7.47 31.78
C PHE B 190 2.26 -7.52 31.60
N THR B 191 2.94 -8.26 32.46
CA THR B 191 4.38 -8.44 32.38
C THR B 191 4.73 -9.90 32.63
N GLY B 192 5.97 -10.24 32.33
CA GLY B 192 6.44 -11.61 32.48
C GLY B 192 7.36 -12.01 31.35
N HIS B 193 7.21 -11.35 30.21
CA HIS B 193 8.07 -11.63 29.07
C HIS B 193 9.48 -11.13 29.33
N THR B 194 10.44 -11.70 28.62
CA THR B 194 11.84 -11.27 28.67
C THR B 194 12.34 -10.79 27.32
N GLY B 195 11.43 -10.38 26.44
CA GLY B 195 11.81 -9.92 25.12
C GLY B 195 10.68 -9.15 24.49
N ASP B 196 10.95 -8.61 23.30
CA ASP B 196 9.95 -7.83 22.60
C ASP B 196 8.74 -8.69 22.25
N VAL B 197 7.56 -8.15 22.47
CA VAL B 197 6.30 -8.82 22.12
C VAL B 197 5.95 -8.42 20.70
N MET B 198 5.77 -9.41 19.82
CA MET B 198 5.64 -9.15 18.40
C MET B 198 4.24 -9.34 17.85
N SER B 199 3.30 -9.84 18.64
CA SER B 199 1.94 -9.99 18.15
C SER B 199 1.05 -10.50 19.28
N LEU B 200 -0.26 -10.45 19.03
CA LEU B 200 -1.23 -11.00 19.95
C LEU B 200 -2.53 -11.22 19.20
N SER B 201 -3.38 -12.09 19.76
CA SER B 201 -4.68 -12.35 19.19
C SER B 201 -5.69 -12.57 20.32
N LEU B 202 -6.89 -12.06 20.12
CA LEU B 202 -7.93 -12.12 21.14
C LEU B 202 -8.76 -13.39 21.00
N ALA B 203 -9.11 -13.99 22.13
CA ALA B 203 -9.94 -15.18 22.09
C ALA B 203 -11.32 -14.84 21.55
N PRO B 204 -12.00 -15.80 20.93
CA PRO B 204 -13.30 -15.49 20.34
C PRO B 204 -14.30 -14.91 21.33
N ASP B 205 -14.28 -15.37 22.56
CA ASP B 205 -15.16 -14.83 23.60
C ASP B 205 -14.57 -13.61 24.29
N THR B 206 -13.41 -13.15 23.84
CA THR B 206 -12.79 -11.93 24.39
C THR B 206 -12.65 -12.00 25.90
N ARG B 207 -12.23 -13.16 26.40
CA ARG B 207 -11.90 -13.31 27.81
C ARG B 207 -10.46 -13.74 28.05
N LEU B 208 -9.75 -14.22 27.04
CA LEU B 208 -8.35 -14.55 27.12
C LEU B 208 -7.67 -14.10 25.83
N PHE B 209 -6.35 -13.94 25.88
CA PHE B 209 -5.60 -13.66 24.67
C PHE B 209 -4.17 -14.15 24.86
N VAL B 210 -3.51 -14.46 23.74
CA VAL B 210 -2.16 -14.97 23.73
C VAL B 210 -1.26 -13.96 23.05
N SER B 211 0.03 -14.02 23.39
CA SER B 211 1.02 -13.11 22.83
C SER B 211 2.34 -13.83 22.67
N GLY B 212 2.94 -13.72 21.48
CA GLY B 212 4.21 -14.34 21.20
C GLY B 212 5.31 -13.28 21.16
N ALA B 213 6.39 -13.56 21.87
CA ALA B 213 7.47 -12.60 22.06
C ALA B 213 8.70 -13.03 21.29
N CYS B 214 9.72 -12.17 21.31
CA CYS B 214 10.98 -12.47 20.65
C CYS B 214 11.85 -13.44 21.43
N ASP B 215 11.51 -13.71 22.68
CA ASP B 215 12.28 -14.68 23.47
C ASP B 215 11.88 -16.12 23.19
N ALA B 216 11.18 -16.37 22.08
CA ALA B 216 10.82 -17.72 21.68
C ALA B 216 9.91 -18.37 22.71
N SER B 217 8.77 -17.73 22.97
CA SER B 217 7.78 -18.29 23.88
C SER B 217 6.51 -17.47 23.78
N ALA B 218 5.38 -18.15 23.91
CA ALA B 218 4.08 -17.51 23.91
C ALA B 218 3.37 -17.86 25.20
N LYS B 219 2.58 -16.91 25.73
CA LYS B 219 1.90 -17.11 26.99
C LYS B 219 0.44 -16.68 26.87
N LEU B 220 -0.39 -17.28 27.71
CA LEU B 220 -1.83 -17.03 27.74
C LEU B 220 -2.15 -16.18 28.94
N TRP B 221 -2.98 -15.16 28.75
CA TRP B 221 -3.21 -14.12 29.74
C TRP B 221 -4.69 -13.98 30.05
N ASP B 222 -4.99 -13.71 31.32
CA ASP B 222 -6.36 -13.50 31.78
C ASP B 222 -6.66 -12.01 31.72
N VAL B 223 -7.51 -11.62 30.76
CA VAL B 223 -7.75 -10.20 30.53
C VAL B 223 -8.40 -9.56 31.75
N ARG B 224 -9.37 -10.24 32.36
CA ARG B 224 -10.04 -9.68 33.52
C ARG B 224 -9.11 -9.61 34.72
N GLU B 225 -8.29 -10.63 34.92
CA GLU B 225 -7.52 -10.79 36.15
C GLU B 225 -6.13 -10.16 36.10
N GLY B 226 -5.56 -9.98 34.91
CA GLY B 226 -4.20 -9.47 34.82
C GLY B 226 -3.16 -10.44 35.33
N MET B 227 -3.30 -11.72 35.02
CA MET B 227 -2.39 -12.76 35.47
C MET B 227 -2.03 -13.65 34.29
N CYS B 228 -0.81 -14.20 34.32
CA CYS B 228 -0.37 -15.16 33.31
C CYS B 228 -0.83 -16.55 33.74
N ARG B 229 -1.70 -17.14 32.93
CA ARG B 229 -2.25 -18.44 33.30
C ARG B 229 -1.37 -19.58 32.79
N GLN B 230 -0.65 -19.37 31.68
CA GLN B 230 0.17 -20.42 31.09
C GLN B 230 1.30 -19.79 30.29
N THR B 231 2.30 -20.61 29.99
CA THR B 231 3.41 -20.25 29.11
C THR B 231 3.82 -21.45 28.27
N PHE B 232 4.08 -21.22 26.99
CA PHE B 232 4.38 -22.28 26.05
C PHE B 232 5.74 -22.02 25.43
N THR B 233 6.52 -23.09 25.25
CA THR B 233 7.86 -23.00 24.70
C THR B 233 7.99 -24.00 23.56
N GLY B 234 9.11 -23.92 22.84
CA GLY B 234 9.40 -24.89 21.80
C GLY B 234 10.05 -24.29 20.58
N HIS B 235 9.81 -23.01 20.32
CA HIS B 235 10.42 -22.35 19.18
C HIS B 235 11.90 -22.09 19.46
N GLU B 236 12.69 -22.14 18.39
CA GLU B 236 14.12 -21.87 18.49
C GLU B 236 14.47 -20.40 18.30
N SER B 237 13.52 -19.57 17.90
CA SER B 237 13.81 -18.17 17.62
C SER B 237 12.56 -17.35 17.92
N ASP B 238 12.57 -16.09 17.48
CA ASP B 238 11.49 -15.18 17.82
C ASP B 238 10.20 -15.54 17.09
N ILE B 239 9.08 -15.25 17.75
CA ILE B 239 7.74 -15.52 17.21
C ILE B 239 7.21 -14.25 16.56
N ASN B 240 6.78 -14.36 15.32
CA ASN B 240 6.36 -13.20 14.54
C ASN B 240 4.86 -13.04 14.43
N ALA B 241 4.09 -14.10 14.59
CA ALA B 241 2.65 -14.03 14.43
C ALA B 241 2.00 -15.11 15.28
N ILE B 242 0.69 -14.94 15.52
CA ILE B 242 -0.05 -15.82 16.39
C ILE B 242 -1.54 -15.61 16.12
N CYS B 243 -2.32 -16.67 16.29
CA CYS B 243 -3.76 -16.59 16.07
C CYS B 243 -4.45 -17.74 16.80
N PHE B 244 -5.69 -17.52 17.20
CA PHE B 244 -6.47 -18.53 17.91
C PHE B 244 -7.17 -19.48 16.95
N PHE B 245 -7.29 -20.73 17.37
CA PHE B 245 -8.15 -21.68 16.70
C PHE B 245 -9.60 -21.22 16.83
N PRO B 246 -10.45 -21.46 15.83
CA PRO B 246 -11.79 -20.88 15.87
C PRO B 246 -12.59 -21.24 17.11
N ASN B 247 -12.40 -22.44 17.65
CA ASN B 247 -13.16 -22.87 18.81
C ASN B 247 -12.60 -22.33 20.12
N GLY B 248 -11.46 -21.65 20.08
CA GLY B 248 -10.94 -20.98 21.25
C GLY B 248 -10.17 -21.86 22.21
N ASN B 249 -9.71 -23.03 21.78
CA ASN B 249 -8.97 -23.95 22.64
C ASN B 249 -7.58 -24.26 22.14
N ALA B 250 -7.13 -23.59 21.08
CA ALA B 250 -5.79 -23.81 20.57
C ALA B 250 -5.37 -22.58 19.77
N PHE B 251 -4.06 -22.40 19.62
CA PHE B 251 -3.54 -21.30 18.83
C PHE B 251 -2.28 -21.76 18.12
N ALA B 252 -1.96 -21.06 17.03
CA ALA B 252 -0.80 -21.40 16.22
C ALA B 252 0.13 -20.20 16.16
N THR B 253 1.43 -20.49 16.07
CA THR B 253 2.46 -19.45 16.14
C THR B 253 3.42 -19.59 14.98
N GLY B 254 3.87 -18.46 14.45
CA GLY B 254 4.87 -18.44 13.39
C GLY B 254 6.12 -17.72 13.87
N SER B 255 7.27 -18.16 13.38
CA SER B 255 8.55 -17.69 13.88
C SER B 255 9.54 -17.51 12.75
N ASP B 256 10.73 -17.03 13.12
CA ASP B 256 11.86 -17.00 12.19
C ASP B 256 12.50 -18.35 11.99
N ASP B 257 12.14 -19.35 12.80
CA ASP B 257 12.69 -20.68 12.64
C ASP B 257 12.19 -21.38 11.38
N ALA B 258 11.33 -20.74 10.60
CA ALA B 258 10.74 -21.33 9.41
C ALA B 258 9.81 -22.48 9.75
N THR B 259 9.11 -22.39 10.88
CA THR B 259 8.16 -23.40 11.28
C THR B 259 6.98 -22.75 11.98
N CYS B 260 5.83 -23.42 11.91
CA CYS B 260 4.64 -23.07 12.67
C CYS B 260 4.31 -24.23 13.60
N ARG B 261 3.68 -23.94 14.73
CA ARG B 261 3.33 -24.95 15.70
C ARG B 261 1.92 -24.71 16.21
N LEU B 262 1.28 -25.78 16.67
CA LEU B 262 -0.09 -25.73 17.17
C LEU B 262 -0.08 -26.14 18.64
N PHE B 263 -0.46 -25.21 19.51
CA PHE B 263 -0.52 -25.47 20.94
C PHE B 263 -1.97 -25.56 21.40
N ASP B 264 -2.19 -26.37 22.43
CA ASP B 264 -3.53 -26.61 22.96
C ASP B 264 -3.58 -26.16 24.41
N LEU B 265 -4.50 -25.25 24.72
CA LEU B 265 -4.55 -24.65 26.05
C LEU B 265 -4.91 -25.69 27.11
N ARG B 266 -5.93 -26.50 26.86
CA ARG B 266 -6.33 -27.51 27.85
C ARG B 266 -5.21 -28.52 28.07
N ALA B 267 -4.58 -28.98 26.98
CA ALA B 267 -3.50 -29.95 27.12
C ALA B 267 -2.21 -29.31 27.60
N ASP B 268 -1.97 -28.05 27.21
CA ASP B 268 -0.82 -27.30 27.70
C ASP B 268 0.49 -27.80 27.07
N GLN B 269 0.42 -28.18 25.80
CA GLN B 269 1.58 -28.74 25.12
C GLN B 269 1.57 -28.30 23.67
N GLU B 270 2.45 -28.90 22.88
CA GLU B 270 2.56 -28.67 21.45
C GLU B 270 2.01 -29.90 20.75
N LEU B 271 1.10 -29.69 19.79
CA LEU B 271 0.47 -30.83 19.14
C LEU B 271 1.19 -31.23 17.86
N MET B 272 1.55 -30.26 17.03
CA MET B 272 2.08 -30.58 15.71
C MET B 272 2.97 -29.44 15.24
N THR B 273 3.86 -29.77 14.30
CA THR B 273 4.76 -28.80 13.70
C THR B 273 4.54 -28.78 12.20
N TYR B 274 4.73 -27.61 11.60
CA TYR B 274 4.46 -27.44 10.17
C TYR B 274 5.73 -27.03 9.43
N SER B 275 6.84 -27.72 9.69
CA SER B 275 8.11 -27.44 9.05
C SER B 275 8.25 -28.27 7.79
N HIS B 276 8.97 -27.73 6.82
CA HIS B 276 9.26 -28.41 5.57
C HIS B 276 10.73 -28.21 5.21
N ASP B 277 11.32 -29.22 4.56
CA ASP B 277 12.73 -29.15 4.23
C ASP B 277 13.04 -28.02 3.27
N ASN B 278 12.11 -27.70 2.38
CA ASN B 278 12.34 -26.70 1.33
C ASN B 278 12.21 -25.27 1.84
N ILE B 279 11.66 -25.06 3.03
CA ILE B 279 11.39 -23.72 3.54
C ILE B 279 12.58 -23.27 4.37
N ILE B 280 13.05 -22.06 4.13
CA ILE B 280 14.24 -21.54 4.78
C ILE B 280 14.02 -20.24 5.51
N CYS B 281 13.05 -19.42 5.12
CA CYS B 281 12.88 -18.09 5.67
C CYS B 281 11.79 -18.09 6.75
N GLY B 282 11.65 -16.95 7.42
CA GLY B 282 10.77 -16.85 8.56
C GLY B 282 9.35 -16.46 8.20
N ILE B 283 8.42 -16.87 9.06
CA ILE B 283 7.01 -16.56 8.90
C ILE B 283 6.77 -15.13 9.34
N THR B 284 5.83 -14.46 8.68
CA THR B 284 5.47 -13.10 9.05
C THR B 284 4.04 -12.96 9.55
N SER B 285 3.15 -13.86 9.14
CA SER B 285 1.76 -13.79 9.55
C SER B 285 1.15 -15.18 9.56
N VAL B 286 0.07 -15.33 10.30
CA VAL B 286 -0.62 -16.61 10.44
C VAL B 286 -2.09 -16.34 10.67
N SER B 287 -2.95 -17.21 10.14
CA SER B 287 -4.38 -17.12 10.39
C SER B 287 -5.04 -18.44 10.05
N PHE B 288 -6.18 -18.70 10.65
CA PHE B 288 -6.96 -19.91 10.44
C PHE B 288 -8.14 -19.60 9.54
N SER B 289 -8.74 -20.66 8.99
CA SER B 289 -9.98 -20.49 8.24
C SER B 289 -11.17 -20.67 9.18
N LYS B 290 -12.36 -20.42 8.64
CA LYS B 290 -13.56 -20.45 9.48
C LYS B 290 -13.72 -21.82 10.14
N SER B 291 -13.49 -22.90 9.39
CA SER B 291 -13.62 -24.22 9.97
C SER B 291 -12.44 -24.54 10.88
N GLY B 292 -11.27 -23.98 10.60
CA GLY B 292 -10.07 -24.32 11.31
C GLY B 292 -9.26 -25.45 10.73
N ARG B 293 -9.50 -25.81 9.47
CA ARG B 293 -8.77 -26.89 8.83
C ARG B 293 -7.59 -26.41 8.01
N LEU B 294 -7.63 -25.19 7.49
CA LEU B 294 -6.51 -24.62 6.78
C LEU B 294 -5.80 -23.59 7.64
N LEU B 295 -4.48 -23.68 7.69
CA LEU B 295 -3.63 -22.75 8.43
C LEU B 295 -2.76 -22.01 7.43
N LEU B 296 -3.08 -20.74 7.18
CA LEU B 296 -2.39 -19.95 6.18
C LEU B 296 -1.30 -19.13 6.83
N ALA B 297 -0.09 -19.22 6.29
CA ALA B 297 1.05 -18.46 6.79
C ALA B 297 1.78 -17.84 5.61
N GLY B 298 2.28 -16.62 5.81
CA GLY B 298 2.99 -15.89 4.77
C GLY B 298 4.45 -15.75 5.12
N TYR B 299 5.31 -16.29 4.27
CA TYR B 299 6.74 -16.35 4.50
C TYR B 299 7.42 -15.19 3.78
N ASP B 300 8.74 -15.14 3.87
CA ASP B 300 9.51 -14.10 3.21
C ASP B 300 9.97 -14.48 1.81
N ASP B 301 9.61 -15.65 1.32
CA ASP B 301 9.93 -16.04 -0.04
C ASP B 301 8.89 -15.54 -1.05
N PHE B 302 8.09 -14.56 -0.66
CA PHE B 302 7.05 -13.97 -1.51
C PHE B 302 5.88 -14.91 -1.74
N ASN B 303 5.56 -15.76 -0.76
CA ASN B 303 4.47 -16.72 -0.89
C ASN B 303 3.68 -16.79 0.40
N CYS B 304 2.51 -17.42 0.32
CA CYS B 304 1.76 -17.86 1.49
C CYS B 304 1.37 -19.31 1.27
N ASN B 305 1.70 -20.17 2.22
CA ASN B 305 1.46 -21.59 2.11
C ASN B 305 0.23 -21.97 2.91
N VAL B 306 -0.63 -22.81 2.34
CA VAL B 306 -1.80 -23.32 3.03
C VAL B 306 -1.44 -24.68 3.61
N TRP B 307 -1.54 -24.80 4.93
CA TRP B 307 -1.21 -26.03 5.64
C TRP B 307 -2.47 -26.71 6.13
N ASP B 308 -2.57 -28.01 5.87
CA ASP B 308 -3.65 -28.80 6.44
C ASP B 308 -3.43 -28.93 7.94
N ALA B 309 -4.15 -28.14 8.73
CA ALA B 309 -3.83 -28.01 10.14
C ALA B 309 -3.90 -29.34 10.87
N LEU B 310 -4.61 -30.32 10.34
CA LEU B 310 -4.78 -31.59 11.03
C LEU B 310 -3.77 -32.66 10.62
N LYS B 311 -3.06 -32.49 9.51
CA LYS B 311 -2.11 -33.51 9.07
C LYS B 311 -0.74 -32.97 8.65
N ALA B 312 -0.51 -31.66 8.70
CA ALA B 312 0.78 -31.09 8.34
C ALA B 312 1.15 -31.45 6.90
N ASP B 313 0.29 -31.05 5.98
CA ASP B 313 0.51 -31.25 4.55
C ASP B 313 0.26 -29.93 3.84
N ARG B 314 1.22 -29.49 3.03
CA ARG B 314 0.98 -28.31 2.21
C ARG B 314 -0.11 -28.61 1.20
N ALA B 315 -1.25 -27.96 1.34
CA ALA B 315 -2.37 -28.17 0.44
C ALA B 315 -2.39 -27.19 -0.72
N GLY B 316 -1.41 -26.31 -0.83
CA GLY B 316 -1.38 -25.36 -1.92
C GLY B 316 -0.47 -24.20 -1.62
N VAL B 317 -0.50 -23.23 -2.52
CA VAL B 317 0.34 -22.03 -2.42
C VAL B 317 -0.42 -20.87 -3.02
N LEU B 318 -0.32 -19.71 -2.39
CA LEU B 318 -0.87 -18.47 -2.95
C LEU B 318 0.29 -17.66 -3.50
N ALA B 319 0.70 -18.00 -4.72
CA ALA B 319 1.83 -17.37 -5.37
C ALA B 319 1.41 -15.99 -5.87
N GLY B 320 1.97 -14.95 -5.26
CA GLY B 320 1.67 -13.59 -5.66
C GLY B 320 2.65 -12.64 -5.02
N HIS B 321 2.50 -11.36 -5.36
CA HIS B 321 3.33 -10.30 -4.79
C HIS B 321 4.78 -10.44 -5.24
N ASP B 322 5.47 -9.31 -5.33
CA ASP B 322 6.86 -9.27 -5.75
C ASP B 322 7.82 -9.03 -4.58
N ASN B 323 7.34 -9.13 -3.35
CA ASN B 323 8.18 -8.87 -2.18
C ASN B 323 7.61 -9.65 -1.00
N ARG B 324 8.13 -9.36 0.19
CA ARG B 324 7.71 -10.10 1.38
C ARG B 324 6.24 -9.89 1.67
N VAL B 325 5.58 -10.94 2.16
CA VAL B 325 4.21 -10.86 2.61
C VAL B 325 4.21 -10.45 4.08
N SER B 326 3.52 -9.37 4.41
CA SER B 326 3.61 -8.80 5.75
C SER B 326 2.34 -8.97 6.58
N CYS B 327 1.21 -9.32 5.99
CA CYS B 327 -0.01 -9.47 6.76
C CYS B 327 -0.95 -10.45 6.06
N LEU B 328 -1.82 -11.06 6.85
CA LEU B 328 -2.83 -11.98 6.36
C LEU B 328 -4.14 -11.66 7.04
N GLY B 329 -5.23 -12.12 6.43
CA GLY B 329 -6.55 -11.92 7.02
C GLY B 329 -7.58 -12.86 6.45
N VAL B 330 -8.49 -13.34 7.29
CA VAL B 330 -9.57 -14.21 6.86
C VAL B 330 -10.87 -13.60 7.34
N THR B 331 -11.82 -13.45 6.42
CA THR B 331 -13.08 -12.81 6.76
C THR B 331 -13.84 -13.64 7.78
N ASP B 332 -14.64 -12.97 8.61
CA ASP B 332 -15.39 -13.69 9.63
C ASP B 332 -16.34 -14.71 9.01
N ASP B 333 -16.86 -14.45 7.81
CA ASP B 333 -17.68 -15.42 7.13
C ASP B 333 -16.88 -16.45 6.37
N GLY B 334 -15.57 -16.22 6.20
CA GLY B 334 -14.71 -17.21 5.58
C GLY B 334 -14.84 -17.32 4.08
N MET B 335 -15.23 -16.25 3.39
CA MET B 335 -15.37 -16.28 1.95
C MET B 335 -14.11 -15.86 1.21
N ALA B 336 -13.09 -15.35 1.89
CA ALA B 336 -11.95 -14.81 1.17
C ALA B 336 -10.75 -14.72 2.10
N VAL B 337 -9.59 -14.44 1.50
CA VAL B 337 -8.34 -14.23 2.21
C VAL B 337 -7.63 -13.06 1.56
N ALA B 338 -7.08 -12.15 2.38
CA ALA B 338 -6.37 -10.99 1.90
C ALA B 338 -4.93 -11.02 2.38
N THR B 339 -4.01 -10.58 1.53
CA THR B 339 -2.59 -10.58 1.86
C THR B 339 -1.98 -9.27 1.42
N GLY B 340 -1.12 -8.72 2.27
CA GLY B 340 -0.39 -7.50 1.96
C GLY B 340 1.10 -7.78 1.93
N SER B 341 1.80 -7.06 1.06
CA SER B 341 3.23 -7.29 0.87
C SER B 341 3.94 -5.96 0.69
N TRP B 342 5.26 -6.01 0.79
CA TRP B 342 6.08 -4.81 0.68
C TRP B 342 6.01 -4.19 -0.71
N ASP B 343 5.48 -4.90 -1.70
CA ASP B 343 5.33 -4.36 -3.04
C ASP B 343 4.16 -3.40 -3.16
N SER B 344 3.48 -3.09 -2.05
CA SER B 344 2.43 -2.07 -2.04
C SER B 344 1.18 -2.52 -2.79
N PHE B 345 0.78 -3.77 -2.61
CA PHE B 345 -0.44 -4.29 -3.21
C PHE B 345 -1.11 -5.25 -2.25
N LEU B 346 -2.43 -5.14 -2.14
CA LEU B 346 -3.24 -6.12 -1.42
C LEU B 346 -4.01 -6.96 -2.42
N LYS B 347 -4.02 -8.27 -2.20
CA LYS B 347 -4.71 -9.18 -3.09
C LYS B 347 -5.68 -10.04 -2.28
N ILE B 348 -6.92 -10.10 -2.74
CA ILE B 348 -7.97 -10.85 -2.07
C ILE B 348 -8.15 -12.17 -2.80
N TRP B 349 -7.94 -13.27 -2.08
CA TRP B 349 -7.94 -14.60 -2.66
C TRP B 349 -9.18 -15.34 -2.21
N ASN B 350 -9.85 -15.99 -3.16
CA ASN B 350 -11.09 -16.68 -2.87
C ASN B 350 -11.00 -18.15 -3.27
N ILE C 9 18.28 -10.20 43.66
CA ILE C 9 17.86 -10.94 44.83
C ILE C 9 16.34 -10.89 44.94
N ALA C 10 15.76 -9.77 44.52
CA ALA C 10 14.32 -9.60 44.54
C ALA C 10 13.66 -9.85 43.19
N GLN C 11 14.40 -9.72 42.09
CA GLN C 11 13.82 -9.94 40.78
C GLN C 11 13.34 -11.38 40.62
N ALA C 12 14.14 -12.34 41.09
CA ALA C 12 13.80 -13.75 40.97
C ALA C 12 12.79 -14.21 42.00
N ARG C 13 12.46 -13.38 42.99
CA ARG C 13 11.46 -13.78 43.98
C ARG C 13 10.11 -14.04 43.32
N LYS C 14 9.69 -13.16 42.40
CA LYS C 14 8.43 -13.35 41.72
C LYS C 14 8.50 -14.44 40.66
N LEU C 15 9.66 -14.64 40.04
CA LEU C 15 9.77 -15.64 38.99
C LEU C 15 9.42 -17.02 39.52
N VAL C 16 9.90 -17.37 40.72
CA VAL C 16 9.52 -18.64 41.31
C VAL C 16 8.04 -18.64 41.68
N GLU C 17 7.52 -17.48 42.10
CA GLU C 17 6.12 -17.42 42.48
C GLU C 17 5.21 -17.72 41.30
N GLN C 18 5.52 -17.17 40.13
CA GLN C 18 4.70 -17.43 38.96
C GLN C 18 4.65 -18.91 38.60
N LEU C 19 5.82 -19.57 38.60
CA LEU C 19 5.87 -20.95 38.16
C LEU C 19 4.97 -21.84 39.00
N LYS C 20 4.87 -21.54 40.30
CA LYS C 20 3.99 -22.31 41.16
C LYS C 20 2.55 -22.22 40.68
N MET C 21 2.11 -21.01 40.29
CA MET C 21 0.77 -20.87 39.74
C MET C 21 0.62 -21.66 38.45
N GLU C 22 1.62 -21.61 37.58
CA GLU C 22 1.53 -22.32 36.31
C GLU C 22 1.65 -23.82 36.49
N ALA C 23 2.41 -24.27 37.48
CA ALA C 23 2.61 -25.70 37.67
C ALA C 23 1.39 -26.42 38.22
N ASN C 24 0.49 -25.70 38.91
CA ASN C 24 -0.72 -26.30 39.48
C ASN C 24 -1.88 -26.02 38.54
N ILE C 25 -1.92 -26.77 37.44
CA ILE C 25 -2.96 -26.66 36.43
C ILE C 25 -3.49 -28.05 36.11
N ASP C 26 -4.80 -28.20 36.10
CA ASP C 26 -5.44 -29.48 35.82
C ASP C 26 -5.43 -29.71 34.32
N ARG C 27 -4.55 -30.61 33.88
CA ARG C 27 -4.37 -30.89 32.47
C ARG C 27 -5.21 -32.09 32.04
N ILE C 28 -5.24 -32.34 30.73
CA ILE C 28 -5.95 -33.46 30.14
C ILE C 28 -5.07 -34.13 29.09
N LYS C 29 -5.38 -35.39 28.81
CA LYS C 29 -4.62 -36.13 27.82
C LYS C 29 -4.72 -35.46 26.45
N VAL C 30 -3.59 -35.44 25.73
CA VAL C 30 -3.61 -34.91 24.38
C VAL C 30 -4.53 -35.75 23.50
N SER C 31 -4.62 -37.05 23.79
CA SER C 31 -5.49 -37.91 23.01
C SER C 31 -6.91 -37.36 22.98
N LYS C 32 -7.40 -36.90 24.12
CA LYS C 32 -8.71 -36.24 24.15
C LYS C 32 -8.64 -34.86 23.53
N ALA C 33 -7.62 -34.08 23.87
CA ALA C 33 -7.53 -32.71 23.35
C ALA C 33 -7.42 -32.70 21.84
N ALA C 34 -6.59 -33.59 21.28
CA ALA C 34 -6.49 -33.67 19.83
C ALA C 34 -7.80 -34.12 19.22
N ALA C 35 -8.50 -35.05 19.88
CA ALA C 35 -9.75 -35.56 19.32
C ALA C 35 -10.75 -34.44 19.12
N ASP C 36 -10.88 -33.55 20.10
CA ASP C 36 -11.82 -32.44 19.95
C ASP C 36 -11.47 -31.58 18.75
N LEU C 37 -10.19 -31.26 18.57
CA LEU C 37 -9.78 -30.50 17.40
C LEU C 37 -10.18 -31.22 16.12
N MET C 38 -10.23 -32.56 16.16
CA MET C 38 -10.77 -33.31 15.03
C MET C 38 -12.29 -33.18 14.97
N ALA C 39 -12.96 -33.27 16.11
CA ALA C 39 -14.41 -33.23 16.12
C ALA C 39 -14.93 -31.87 15.63
N TYR C 40 -14.35 -30.78 16.13
CA TYR C 40 -14.84 -29.46 15.77
C TYR C 40 -14.63 -29.18 14.30
N CYS C 41 -13.40 -29.36 13.81
CA CYS C 41 -13.10 -29.02 12.43
C CYS C 41 -13.89 -29.86 11.45
N GLU C 42 -14.45 -30.98 11.90
CA GLU C 42 -15.31 -31.80 11.05
C GLU C 42 -16.77 -31.32 11.09
N ALA C 43 -17.26 -30.93 12.26
CA ALA C 43 -18.65 -30.49 12.36
C ALA C 43 -18.89 -29.23 11.54
N HIS C 44 -18.07 -28.20 11.75
CA HIS C 44 -18.20 -26.95 11.01
C HIS C 44 -17.42 -26.97 9.71
N ALA C 45 -17.64 -28.00 8.89
CA ALA C 45 -16.92 -28.17 7.64
C ALA C 45 -17.74 -27.77 6.43
N LYS C 46 -19.05 -27.98 6.45
CA LYS C 46 -19.91 -27.60 5.34
C LYS C 46 -20.07 -26.09 5.21
N GLU C 47 -19.65 -25.33 6.21
CA GLU C 47 -19.78 -23.87 6.21
C GLU C 47 -18.44 -23.17 6.02
N ASP C 48 -17.50 -23.81 5.32
CA ASP C 48 -16.19 -23.22 5.07
C ASP C 48 -16.01 -23.01 3.57
N PRO C 49 -16.24 -21.82 3.05
CA PRO C 49 -16.11 -21.61 1.60
C PRO C 49 -14.73 -21.95 1.06
N LEU C 50 -13.66 -21.67 1.81
CA LEU C 50 -12.33 -21.93 1.28
C LEU C 50 -12.09 -23.41 1.08
N LEU C 51 -12.50 -24.24 2.05
CA LEU C 51 -12.21 -25.67 1.96
C LEU C 51 -12.91 -26.31 0.77
N THR C 52 -14.22 -26.12 0.66
CA THR C 52 -15.01 -26.69 -0.42
C THR C 52 -15.46 -25.57 -1.34
N PRO C 53 -14.93 -25.44 -2.55
CA PRO C 53 -15.26 -24.27 -3.38
C PRO C 53 -16.76 -24.12 -3.56
N VAL C 54 -17.23 -22.88 -3.44
CA VAL C 54 -18.65 -22.55 -3.44
C VAL C 54 -19.12 -22.34 -4.87
N PRO C 55 -20.38 -22.62 -5.20
CA PRO C 55 -20.87 -22.33 -6.55
C PRO C 55 -20.73 -20.85 -6.88
N ALA C 56 -20.46 -20.57 -8.15
CA ALA C 56 -20.18 -19.20 -8.58
C ALA C 56 -21.36 -18.26 -8.37
N SER C 57 -22.57 -18.80 -8.16
CA SER C 57 -23.72 -17.93 -7.94
C SER C 57 -23.69 -17.30 -6.56
N GLU C 58 -23.05 -17.95 -5.58
CA GLU C 58 -23.05 -17.49 -4.21
C GLU C 58 -21.74 -16.84 -3.80
N ASN C 59 -20.89 -16.48 -4.76
CA ASN C 59 -19.60 -15.89 -4.46
C ASN C 59 -19.68 -14.38 -4.67
N PRO C 60 -19.59 -13.56 -3.61
CA PRO C 60 -19.64 -12.11 -3.82
C PRO C 60 -18.48 -11.56 -4.62
N PHE C 61 -17.37 -12.30 -4.74
CA PHE C 61 -16.25 -11.86 -5.57
C PHE C 61 -16.34 -12.47 -6.96
N ASP D 1 -21.42 23.32 16.17
CA ASP D 1 -22.48 22.46 15.71
C ASP D 1 -22.75 22.69 14.23
N VAL D 2 -23.20 21.64 13.54
CA VAL D 2 -23.51 21.76 12.12
C VAL D 2 -24.62 22.79 11.94
N GLN D 3 -24.49 23.61 10.91
CA GLN D 3 -25.46 24.68 10.69
C GLN D 3 -25.42 25.10 9.24
N LEU D 4 -26.59 25.09 8.59
CA LEU D 4 -26.76 25.63 7.25
C LEU D 4 -27.77 26.77 7.33
N VAL D 5 -27.39 27.94 6.81
CA VAL D 5 -28.24 29.12 6.83
C VAL D 5 -28.32 29.66 5.41
N GLU D 6 -29.53 29.96 4.96
CA GLU D 6 -29.75 30.45 3.61
C GLU D 6 -30.33 31.85 3.64
N SER D 7 -30.08 32.60 2.57
CA SER D 7 -30.60 33.96 2.45
C SER D 7 -30.61 34.35 0.99
N GLY D 8 -31.35 35.42 0.70
CA GLY D 8 -31.49 35.93 -0.66
C GLY D 8 -32.90 35.86 -1.22
N GLY D 9 -33.86 35.30 -0.50
CA GLY D 9 -35.22 35.27 -0.98
C GLY D 9 -35.95 36.58 -0.74
N GLY D 10 -37.20 36.61 -1.19
CA GLY D 10 -38.01 37.81 -1.03
C GLY D 10 -39.08 37.86 -2.09
N LEU D 11 -39.44 39.09 -2.47
CA LEU D 11 -40.43 39.34 -3.51
C LEU D 11 -39.73 39.88 -4.75
N VAL D 12 -39.98 39.24 -5.89
CA VAL D 12 -39.39 39.63 -7.16
C VAL D 12 -40.48 39.65 -8.23
N GLN D 13 -40.28 40.47 -9.23
CA GLN D 13 -41.23 40.57 -10.32
C GLN D 13 -41.03 39.44 -11.31
N PRO D 14 -42.08 39.03 -12.03
CA PRO D 14 -41.91 37.94 -13.01
C PRO D 14 -40.85 38.30 -14.04
N GLY D 15 -40.06 37.30 -14.42
CA GLY D 15 -38.95 37.50 -15.32
C GLY D 15 -37.71 38.08 -14.66
N GLY D 16 -37.78 38.46 -13.39
CA GLY D 16 -36.62 38.94 -12.68
C GLY D 16 -35.69 37.79 -12.32
N SER D 17 -34.55 38.16 -11.74
CA SER D 17 -33.53 37.19 -11.39
C SER D 17 -33.07 37.45 -9.96
N ARG D 18 -32.72 36.36 -9.27
CA ARG D 18 -32.24 36.45 -7.90
C ARG D 18 -31.15 35.42 -7.69
N LYS D 19 -30.36 35.61 -6.63
CA LYS D 19 -29.30 34.69 -6.26
C LYS D 19 -29.52 34.25 -4.83
N LEU D 20 -29.60 32.94 -4.61
CA LEU D 20 -29.77 32.38 -3.27
C LEU D 20 -28.42 31.87 -2.78
N SER D 21 -28.11 32.17 -1.52
CA SER D 21 -26.84 31.80 -0.91
C SER D 21 -27.12 30.88 0.26
N CYS D 22 -26.38 29.77 0.33
CA CYS D 22 -26.45 28.84 1.45
C CYS D 22 -25.04 28.70 2.00
N SER D 23 -24.82 29.26 3.19
CA SER D 23 -23.50 29.32 3.81
C SER D 23 -23.42 28.28 4.93
N ALA D 24 -22.49 27.35 4.80
CA ALA D 24 -22.34 26.24 5.72
C ALA D 24 -21.27 26.56 6.76
N SER D 25 -21.39 25.94 7.93
CA SER D 25 -20.43 26.15 9.01
C SER D 25 -20.57 25.00 10.00
N GLY D 26 -19.50 24.23 10.17
CA GLY D 26 -19.52 23.18 11.17
C GLY D 26 -19.29 21.79 10.61
N PHE D 27 -18.75 21.69 9.41
CA PHE D 27 -18.41 20.39 8.84
C PHE D 27 -17.51 20.60 7.63
N ALA D 28 -17.04 19.49 7.09
CA ALA D 28 -16.10 19.49 5.96
C ALA D 28 -16.88 19.73 4.69
N PHE D 29 -17.26 20.99 4.46
CA PHE D 29 -18.14 21.31 3.36
C PHE D 29 -17.58 20.83 2.03
N SER D 30 -16.25 20.81 1.90
CA SER D 30 -15.65 20.43 0.63
C SER D 30 -15.98 19.00 0.22
N SER D 31 -16.38 18.17 1.17
CA SER D 31 -16.53 16.74 0.93
C SER D 31 -17.98 16.28 0.82
N PHE D 32 -18.93 17.21 0.80
CA PHE D 32 -20.36 16.89 0.81
C PHE D 32 -20.99 17.33 -0.50
N GLY D 33 -21.83 16.47 -1.06
CA GLY D 33 -22.71 16.91 -2.13
C GLY D 33 -23.91 17.66 -1.58
N MET D 34 -24.22 18.79 -2.19
CA MET D 34 -25.27 19.68 -1.71
C MET D 34 -26.43 19.68 -2.69
N HIS D 35 -27.65 19.60 -2.15
CA HIS D 35 -28.86 19.59 -2.94
C HIS D 35 -29.62 20.89 -2.73
N TRP D 36 -30.54 21.17 -3.65
CA TRP D 36 -31.53 22.23 -3.49
C TRP D 36 -32.90 21.58 -3.57
N VAL D 37 -33.74 21.83 -2.57
CA VAL D 37 -35.07 21.23 -2.51
C VAL D 37 -36.06 22.33 -2.13
N ARG D 38 -37.14 22.43 -2.90
CA ARG D 38 -38.12 23.49 -2.71
C ARG D 38 -39.47 22.89 -2.36
N GLN D 39 -40.28 23.69 -1.67
CA GLN D 39 -41.59 23.27 -1.18
C GLN D 39 -42.57 24.40 -1.43
N ALA D 40 -43.42 24.26 -2.45
CA ALA D 40 -44.41 25.28 -2.73
C ALA D 40 -45.39 25.37 -1.57
N PRO D 41 -46.06 26.51 -1.41
CA PRO D 41 -46.94 26.68 -0.25
C PRO D 41 -47.91 25.51 -0.07
N GLU D 42 -47.73 24.78 1.02
CA GLU D 42 -48.57 23.63 1.36
C GLU D 42 -48.89 22.77 0.14
N LYS D 43 -47.84 22.39 -0.58
CA LYS D 43 -47.99 21.41 -1.66
C LYS D 43 -47.17 20.15 -1.42
N GLY D 44 -45.87 20.29 -1.16
CA GLY D 44 -45.03 19.13 -0.96
C GLY D 44 -43.65 19.31 -1.54
N LEU D 45 -42.67 18.57 -1.02
CA LEU D 45 -41.29 18.78 -1.43
C LEU D 45 -41.09 18.41 -2.89
N GLU D 46 -40.11 19.08 -3.52
CA GLU D 46 -39.79 18.82 -4.91
C GLU D 46 -38.31 19.13 -5.14
N TRP D 47 -37.58 18.15 -5.66
CA TRP D 47 -36.15 18.30 -5.89
C TRP D 47 -35.92 19.35 -6.97
N VAL D 48 -34.79 20.05 -6.90
CA VAL D 48 -34.49 21.17 -7.79
C VAL D 48 -33.14 21.00 -8.49
N ALA D 49 -32.07 20.81 -7.71
CA ALA D 49 -30.74 20.70 -8.31
C ALA D 49 -29.79 20.05 -7.33
N TYR D 50 -28.63 19.63 -7.84
CA TYR D 50 -27.64 18.92 -7.03
C TYR D 50 -26.27 19.10 -7.63
N ILE D 51 -25.30 19.47 -6.79
CA ILE D 51 -23.92 19.67 -7.20
C ILE D 51 -23.03 18.81 -6.31
N SER D 52 -22.18 18.00 -6.93
CA SER D 52 -21.44 16.99 -6.17
C SER D 52 -20.22 17.61 -5.49
N SER D 53 -19.36 16.75 -4.97
CA SER D 53 -18.13 17.19 -4.34
C SER D 53 -17.09 17.44 -5.42
N GLY D 54 -16.51 18.64 -5.43
CA GLY D 54 -15.62 19.04 -6.49
C GLY D 54 -16.30 19.49 -7.76
N SER D 55 -17.63 19.66 -7.73
CA SER D 55 -18.41 20.16 -8.85
C SER D 55 -18.29 19.27 -10.09
N GLY D 56 -17.80 18.03 -9.91
CA GLY D 56 -17.61 17.17 -11.06
C GLY D 56 -18.92 16.80 -11.74
N THR D 57 -20.01 16.75 -10.99
CA THR D 57 -21.31 16.33 -11.50
C THR D 57 -22.35 17.38 -11.17
N ILE D 58 -23.32 17.54 -12.06
CA ILE D 58 -24.44 18.44 -11.85
C ILE D 58 -25.69 17.84 -12.50
N TYR D 59 -26.83 18.01 -11.85
CA TYR D 59 -28.11 17.58 -12.39
C TYR D 59 -29.15 18.65 -12.13
N TYR D 60 -30.27 18.56 -12.84
CA TYR D 60 -31.39 19.46 -12.65
C TYR D 60 -32.69 18.71 -12.88
N ALA D 61 -33.77 19.19 -12.26
CA ALA D 61 -35.08 18.66 -12.54
C ALA D 61 -35.65 19.32 -13.80
N ASP D 62 -36.43 18.54 -14.55
CA ASP D 62 -36.87 19.00 -15.87
C ASP D 62 -37.64 20.31 -15.77
N THR D 63 -38.24 20.60 -14.62
CA THR D 63 -39.09 21.78 -14.51
C THR D 63 -38.28 23.06 -14.60
N VAL D 64 -36.98 23.01 -14.34
CA VAL D 64 -36.15 24.21 -14.24
C VAL D 64 -34.90 24.15 -15.10
N LYS D 65 -34.73 23.14 -15.94
CA LYS D 65 -33.49 23.03 -16.71
C LYS D 65 -33.31 24.26 -17.58
N GLY D 66 -32.11 24.81 -17.55
CA GLY D 66 -31.78 26.00 -18.32
C GLY D 66 -32.02 27.32 -17.61
N ARG D 67 -33.15 27.43 -16.92
CA ARG D 67 -33.47 28.67 -16.20
C ARG D 67 -32.64 28.79 -14.93
N PHE D 68 -32.42 27.69 -14.23
CA PHE D 68 -31.64 27.66 -13.01
C PHE D 68 -30.25 27.12 -13.28
N THR D 69 -29.24 27.69 -12.62
CA THR D 69 -27.89 27.15 -12.67
C THR D 69 -27.29 27.16 -11.27
N ILE D 70 -26.65 26.05 -10.92
CA ILE D 70 -26.16 25.80 -9.57
C ILE D 70 -24.64 25.88 -9.57
N SER D 71 -24.08 26.52 -8.54
CA SER D 71 -22.64 26.66 -8.41
C SER D 71 -22.24 26.58 -6.95
N ARG D 72 -20.98 26.20 -6.72
CA ARG D 72 -20.43 25.97 -5.40
C ARG D 72 -19.11 26.71 -5.27
N ASP D 73 -18.83 27.24 -4.08
CA ASP D 73 -17.62 28.02 -3.80
C ASP D 73 -16.90 27.38 -2.61
N ASP D 74 -16.04 26.42 -2.88
CA ASP D 74 -15.44 25.63 -1.80
C ASP D 74 -14.66 26.46 -0.81
N PRO D 75 -13.70 27.30 -1.22
CA PRO D 75 -12.90 28.03 -0.22
C PRO D 75 -13.74 28.89 0.71
N LYS D 76 -14.85 29.43 0.22
CA LYS D 76 -15.69 30.31 1.02
C LYS D 76 -16.76 29.56 1.80
N ASN D 77 -16.92 28.26 1.59
CA ASN D 77 -17.95 27.47 2.26
C ASN D 77 -19.34 28.07 1.98
N THR D 78 -19.71 28.06 0.69
CA THR D 78 -20.95 28.67 0.26
C THR D 78 -21.51 27.92 -0.94
N LEU D 79 -22.83 27.88 -1.03
CA LEU D 79 -23.55 27.26 -2.12
C LEU D 79 -24.46 28.30 -2.76
N PHE D 80 -24.43 28.38 -4.09
CA PHE D 80 -25.18 29.40 -4.82
C PHE D 80 -26.12 28.75 -5.81
N LEU D 81 -27.32 29.33 -5.94
CA LEU D 81 -28.28 28.96 -6.97
C LEU D 81 -28.66 30.23 -7.70
N GLN D 82 -28.44 30.26 -9.01
CA GLN D 82 -28.72 31.44 -9.83
C GLN D 82 -29.95 31.15 -10.68
N MET D 83 -30.99 31.96 -10.50
CA MET D 83 -32.24 31.80 -11.21
C MET D 83 -32.43 32.95 -12.19
N THR D 84 -32.61 32.63 -13.46
CA THR D 84 -32.61 33.63 -14.52
C THR D 84 -33.99 34.23 -14.75
N SER D 85 -34.96 33.41 -15.12
CA SER D 85 -36.32 33.85 -15.41
C SER D 85 -37.26 33.08 -14.52
N LEU D 86 -38.02 33.80 -13.70
CA LEU D 86 -38.91 33.18 -12.73
C LEU D 86 -40.35 33.31 -13.17
N ARG D 87 -41.04 32.18 -13.27
CA ARG D 87 -42.47 32.17 -13.50
C ARG D 87 -43.19 32.31 -12.15
N SER D 88 -44.52 32.29 -12.19
CA SER D 88 -45.28 32.28 -10.94
C SER D 88 -45.29 30.90 -10.29
N GLU D 89 -44.76 29.89 -10.97
CA GLU D 89 -44.72 28.52 -10.45
C GLU D 89 -43.54 28.28 -9.53
N ASP D 90 -42.59 29.20 -9.46
CA ASP D 90 -41.38 28.99 -8.66
C ASP D 90 -41.48 29.55 -7.25
N THR D 91 -42.57 30.23 -6.91
CA THR D 91 -42.72 30.73 -5.55
C THR D 91 -42.77 29.56 -4.58
N ALA D 92 -41.88 29.55 -3.60
CA ALA D 92 -41.75 28.42 -2.69
C ALA D 92 -40.69 28.75 -1.65
N MET D 93 -40.56 27.85 -0.68
CA MET D 93 -39.46 27.89 0.28
C MET D 93 -38.38 26.93 -0.20
N TYR D 94 -37.14 27.40 -0.28
CA TYR D 94 -36.03 26.61 -0.78
C TYR D 94 -35.19 26.13 0.40
N TYR D 95 -34.77 24.87 0.35
CA TYR D 95 -33.97 24.26 1.40
C TYR D 95 -32.60 23.90 0.86
N CYS D 96 -31.59 24.00 1.71
CA CYS D 96 -30.23 23.60 1.39
C CYS D 96 -29.94 22.30 2.13
N VAL D 97 -29.71 21.24 1.38
CA VAL D 97 -29.54 19.91 1.97
C VAL D 97 -28.18 19.36 1.58
N ARG D 98 -27.58 18.60 2.50
CA ARG D 98 -26.24 18.05 2.30
C ARG D 98 -26.34 16.56 2.07
N SER D 99 -25.31 15.99 1.46
CA SER D 99 -25.30 14.56 1.16
C SER D 99 -23.87 14.10 0.92
N ILE D 100 -23.46 13.05 1.61
CA ILE D 100 -22.16 12.44 1.43
C ILE D 100 -22.39 10.99 1.03
N TYR D 101 -21.79 10.58 -0.08
CA TYR D 101 -22.04 9.27 -0.68
C TYR D 101 -20.80 8.40 -0.50
N TYR D 102 -20.94 7.33 0.27
CA TYR D 102 -19.97 6.25 0.33
C TYR D 102 -20.64 5.07 1.00
N TYR D 103 -19.97 3.91 0.93
CA TYR D 103 -20.57 2.70 1.46
C TYR D 103 -21.06 2.91 2.89
N GLY D 104 -22.37 2.78 3.10
CA GLY D 104 -22.93 2.87 4.43
C GLY D 104 -23.06 4.28 4.98
N SER D 105 -23.26 5.27 4.11
CA SER D 105 -23.39 6.65 4.52
C SER D 105 -24.85 7.04 4.64
N SER D 106 -25.08 8.18 5.29
CA SER D 106 -26.42 8.71 5.52
C SER D 106 -26.59 9.97 4.68
N PRO D 107 -27.08 9.87 3.44
CA PRO D 107 -26.90 10.94 2.46
C PRO D 107 -27.92 12.07 2.47
N PHE D 108 -28.76 12.22 3.49
CA PHE D 108 -29.59 13.40 3.58
C PHE D 108 -29.72 13.89 5.01
N ASP D 109 -28.72 13.60 5.85
CA ASP D 109 -28.92 13.67 7.28
C ASP D 109 -29.40 15.04 7.74
N PHE D 110 -28.85 16.11 7.16
CA PHE D 110 -29.11 17.46 7.64
C PHE D 110 -29.79 18.29 6.57
N TRP D 111 -30.71 19.15 7.00
CA TRP D 111 -31.41 20.09 6.13
C TRP D 111 -31.25 21.50 6.68
N GLY D 112 -31.18 22.47 5.78
CA GLY D 112 -31.09 23.85 6.20
C GLY D 112 -32.38 24.33 6.80
N GLN D 113 -32.36 25.58 7.28
CA GLN D 113 -33.57 26.18 7.84
C GLN D 113 -34.47 26.76 6.77
N GLY D 114 -33.92 27.10 5.62
CA GLY D 114 -34.74 27.44 4.47
C GLY D 114 -34.99 28.94 4.35
N THR D 115 -35.22 29.37 3.11
CA THR D 115 -35.50 30.76 2.80
C THR D 115 -36.77 30.85 1.96
N THR D 116 -37.53 31.93 2.16
CA THR D 116 -38.81 32.10 1.47
C THR D 116 -38.61 32.93 0.22
N LEU D 117 -39.17 32.46 -0.90
CA LEU D 117 -39.12 33.17 -2.16
C LEU D 117 -40.55 33.38 -2.67
N THR D 118 -40.87 34.60 -3.07
CA THR D 118 -42.19 34.97 -3.54
C THR D 118 -42.09 35.62 -4.90
N VAL D 119 -43.00 35.24 -5.81
CA VAL D 119 -43.07 35.82 -7.14
C VAL D 119 -44.45 36.40 -7.33
N SER D 120 -44.52 37.71 -7.60
CA SER D 120 -45.80 38.36 -7.77
C SER D 120 -46.48 37.92 -9.06
N SER D 121 -47.80 37.78 -8.98
CA SER D 121 -48.59 37.38 -10.14
C SER D 121 -48.90 38.58 -11.01
N SER D 136 -40.95 7.67 -17.72
CA SER D 136 -39.80 8.57 -17.73
C SER D 136 -39.33 8.84 -16.30
N ASP D 137 -40.26 9.26 -15.45
CA ASP D 137 -39.95 9.53 -14.05
C ASP D 137 -40.69 8.56 -13.14
N ILE D 138 -40.01 8.12 -12.09
CA ILE D 138 -40.62 7.26 -11.09
C ILE D 138 -41.59 8.10 -10.26
N VAL D 139 -42.83 7.64 -10.16
CA VAL D 139 -43.90 8.36 -9.47
C VAL D 139 -44.21 7.62 -8.19
N MET D 140 -44.10 8.31 -7.07
CA MET D 140 -44.38 7.76 -5.75
C MET D 140 -45.68 8.35 -5.23
N THR D 141 -46.55 7.50 -4.70
CA THR D 141 -47.86 7.92 -4.24
C THR D 141 -48.07 7.50 -2.80
N GLN D 142 -48.65 8.39 -2.01
CA GLN D 142 -49.10 8.10 -0.65
C GLN D 142 -50.63 8.16 -0.64
N ALA D 143 -51.26 7.00 -0.50
CA ALA D 143 -52.70 6.91 -0.71
C ALA D 143 -53.46 7.77 0.29
N THR D 144 -53.19 7.61 1.58
CA THR D 144 -53.92 8.32 2.60
C THR D 144 -53.32 9.70 2.80
N SER D 145 -54.19 10.70 2.96
CA SER D 145 -53.77 12.08 3.12
C SER D 145 -53.74 12.52 4.57
N SER D 146 -54.52 11.90 5.44
CA SER D 146 -54.51 12.20 6.87
C SER D 146 -54.76 10.92 7.65
N VAL D 147 -54.30 10.90 8.89
CA VAL D 147 -54.43 9.73 9.75
C VAL D 147 -54.53 10.17 11.20
N PRO D 148 -55.73 10.48 11.70
CA PRO D 148 -55.85 10.85 13.12
C PRO D 148 -55.43 9.70 14.03
N VAL D 149 -54.81 10.05 15.16
CA VAL D 149 -54.34 9.06 16.13
C VAL D 149 -54.09 9.77 17.45
N THR D 150 -54.08 8.99 18.53
CA THR D 150 -53.81 9.47 19.87
C THR D 150 -52.53 8.85 20.40
N PRO D 151 -51.93 9.45 21.43
CA PRO D 151 -50.65 8.93 21.93
C PRO D 151 -50.76 7.49 22.40
N GLY D 152 -49.69 6.73 22.18
CA GLY D 152 -49.61 5.36 22.61
C GLY D 152 -50.22 4.34 21.68
N GLU D 153 -50.61 4.74 20.48
CA GLU D 153 -51.24 3.85 19.51
C GLU D 153 -50.28 3.58 18.36
N SER D 154 -50.18 2.32 17.97
CA SER D 154 -49.34 1.96 16.82
C SER D 154 -49.93 2.58 15.55
N VAL D 155 -49.04 3.08 14.70
CA VAL D 155 -49.43 3.72 13.45
C VAL D 155 -48.61 3.11 12.32
N SER D 156 -49.17 3.19 11.11
CA SER D 156 -48.49 2.69 9.93
C SER D 156 -48.69 3.69 8.81
N ILE D 157 -47.64 3.94 8.04
CA ILE D 157 -47.68 4.82 6.88
C ILE D 157 -47.04 4.07 5.72
N SER D 158 -47.71 4.07 4.57
CA SER D 158 -47.28 3.30 3.42
C SER D 158 -47.23 4.17 2.18
N CYS D 159 -46.37 3.81 1.24
CA CYS D 159 -46.27 4.50 -0.03
C CYS D 159 -45.75 3.54 -1.09
N ARG D 160 -46.30 3.63 -2.29
CA ARG D 160 -46.00 2.71 -3.37
C ARG D 160 -44.93 3.33 -4.27
N SER D 161 -44.68 2.70 -5.41
CA SER D 161 -43.72 3.24 -6.38
C SER D 161 -44.02 2.64 -7.74
N SER D 162 -43.46 3.26 -8.78
CA SER D 162 -43.68 2.79 -10.14
C SER D 162 -42.80 1.59 -10.45
N LYS D 163 -41.49 1.77 -10.42
CA LYS D 163 -40.55 0.66 -10.60
C LYS D 163 -40.21 0.04 -9.25
N SER D 164 -39.51 -1.10 -9.32
CA SER D 164 -39.02 -1.75 -8.12
C SER D 164 -37.69 -1.11 -7.72
N LEU D 165 -37.69 -0.39 -6.60
CA LEU D 165 -36.48 0.28 -6.15
C LEU D 165 -35.37 -0.70 -5.80
N LEU D 166 -35.71 -1.96 -5.52
CA LEU D 166 -34.70 -2.96 -5.24
C LEU D 166 -33.75 -3.06 -6.42
N HIS D 167 -32.45 -3.09 -6.12
CA HIS D 167 -31.40 -3.07 -7.13
C HIS D 167 -30.59 -4.35 -7.05
N SER D 168 -29.69 -4.52 -8.02
CA SER D 168 -28.85 -5.71 -8.05
C SER D 168 -27.99 -5.81 -6.81
N ASN D 169 -27.55 -4.67 -6.26
CA ASN D 169 -26.70 -4.70 -5.08
C ASN D 169 -27.40 -5.31 -3.88
N GLY D 170 -28.73 -5.35 -3.88
CA GLY D 170 -29.49 -5.75 -2.72
C GLY D 170 -29.93 -4.60 -1.83
N ASN D 171 -29.65 -3.37 -2.21
CA ASN D 171 -30.02 -2.21 -1.42
C ASN D 171 -31.29 -1.59 -1.97
N THR D 172 -32.27 -1.37 -1.11
CA THR D 172 -33.53 -0.75 -1.49
C THR D 172 -33.42 0.75 -1.22
N TYR D 173 -33.41 1.55 -2.28
CA TYR D 173 -33.17 2.99 -2.17
C TYR D 173 -34.49 3.70 -1.89
N LEU D 174 -34.79 3.90 -0.61
CA LEU D 174 -35.98 4.63 -0.21
C LEU D 174 -35.67 5.37 1.09
N TYR D 175 -36.19 6.58 1.21
CA TYR D 175 -35.89 7.45 2.35
C TYR D 175 -37.18 7.95 2.95
N TRP D 176 -37.21 8.06 4.27
CA TRP D 176 -38.38 8.57 5.00
C TRP D 176 -38.00 9.83 5.75
N PHE D 177 -38.71 10.91 5.47
CA PHE D 177 -38.48 12.20 6.11
C PHE D 177 -39.70 12.59 6.94
N LEU D 178 -39.45 13.31 8.03
CA LEU D 178 -40.49 13.81 8.91
C LEU D 178 -40.38 15.31 9.02
N GLN D 179 -41.47 16.01 8.71
CA GLN D 179 -41.52 17.46 8.78
C GLN D 179 -42.49 17.86 9.88
N ARG D 180 -41.96 18.45 10.94
CA ARG D 180 -42.79 18.97 12.02
C ARG D 180 -43.32 20.34 11.65
N PRO D 181 -44.41 20.77 12.27
CA PRO D 181 -44.96 22.10 11.94
C PRO D 181 -43.94 23.21 12.20
N GLY D 182 -43.69 24.01 11.17
CA GLY D 182 -42.87 25.20 11.30
C GLY D 182 -41.38 24.96 11.24
N GLN D 183 -40.93 23.74 11.01
CA GLN D 183 -39.52 23.41 10.96
C GLN D 183 -39.16 22.78 9.62
N SER D 184 -37.88 22.59 9.41
CA SER D 184 -37.39 21.90 8.23
C SER D 184 -37.44 20.39 8.44
N PRO D 185 -37.48 19.61 7.35
CA PRO D 185 -37.58 18.16 7.50
C PRO D 185 -36.42 17.57 8.28
N GLN D 186 -36.56 16.30 8.63
CA GLN D 186 -35.54 15.57 9.37
C GLN D 186 -35.54 14.12 8.89
N LEU D 187 -34.34 13.57 8.70
CA LEU D 187 -34.22 12.22 8.15
C LEU D 187 -34.50 11.17 9.23
N LEU D 188 -35.19 10.11 8.84
CA LEU D 188 -35.50 9.01 9.76
C LEU D 188 -34.90 7.69 9.31
N ILE D 189 -35.20 7.25 8.09
CA ILE D 189 -34.73 5.97 7.57
C ILE D 189 -34.11 6.24 6.20
N TYR D 190 -32.87 5.81 5.99
CA TYR D 190 -32.20 6.26 4.78
C TYR D 190 -32.23 5.28 3.62
N ARG D 191 -32.25 3.96 3.82
CA ARG D 191 -32.39 3.09 2.64
C ARG D 191 -33.67 2.28 2.66
N MET D 192 -33.87 1.38 3.61
CA MET D 192 -35.20 0.88 3.88
C MET D 192 -35.48 0.64 5.35
N SER D 193 -34.47 0.36 6.17
CA SER D 193 -34.68 0.01 7.55
C SER D 193 -33.62 0.57 8.49
N ASN D 194 -32.65 1.34 8.00
CA ASN D 194 -31.59 1.86 8.86
C ASN D 194 -32.09 3.10 9.57
N LEU D 195 -31.99 3.11 10.90
CA LEU D 195 -32.42 4.26 11.67
C LEU D 195 -31.37 5.34 11.62
N ALA D 196 -31.74 6.52 11.15
CA ALA D 196 -30.80 7.64 11.10
C ALA D 196 -30.33 7.98 12.50
N SER D 197 -29.06 8.36 12.60
CA SER D 197 -28.49 8.68 13.90
C SER D 197 -29.25 9.84 14.54
N GLY D 198 -29.59 9.68 15.81
CA GLY D 198 -30.24 10.72 16.58
C GLY D 198 -31.72 10.53 16.78
N VAL D 199 -32.36 9.64 16.02
CA VAL D 199 -33.79 9.41 16.17
C VAL D 199 -34.02 8.31 17.20
N PRO D 200 -35.13 8.31 17.91
CA PRO D 200 -35.43 7.21 18.83
C PRO D 200 -35.66 5.91 18.08
N ASP D 201 -35.38 4.81 18.76
CA ASP D 201 -35.46 3.49 18.13
C ASP D 201 -36.89 3.07 17.84
N ARG D 202 -37.90 3.80 18.32
CA ARG D 202 -39.27 3.36 18.15
C ARG D 202 -39.66 3.27 16.68
N PHE D 203 -39.07 4.10 15.82
CA PHE D 203 -39.38 4.04 14.39
C PHE D 203 -38.80 2.78 13.77
N SER D 204 -39.48 2.29 12.74
CA SER D 204 -39.02 1.13 11.99
C SER D 204 -39.54 1.23 10.57
N GLY D 205 -38.86 0.55 9.67
CA GLY D 205 -39.24 0.57 8.27
C GLY D 205 -39.06 -0.79 7.64
N SER D 206 -39.91 -1.08 6.66
CA SER D 206 -39.86 -2.35 5.96
C SER D 206 -40.53 -2.18 4.60
N GLY D 207 -40.29 -3.15 3.73
CA GLY D 207 -40.89 -3.12 2.41
C GLY D 207 -40.23 -4.15 1.52
N SER D 208 -40.74 -4.24 0.29
CA SER D 208 -40.22 -5.20 -0.66
C SER D 208 -40.52 -4.72 -2.07
N GLY D 209 -39.49 -4.27 -2.78
CA GLY D 209 -39.60 -4.03 -4.20
C GLY D 209 -40.37 -2.78 -4.58
N THR D 210 -41.68 -2.78 -4.35
CA THR D 210 -42.53 -1.68 -4.77
C THR D 210 -43.54 -1.25 -3.72
N ALA D 211 -43.60 -1.90 -2.58
CA ALA D 211 -44.51 -1.51 -1.49
C ALA D 211 -43.69 -1.39 -0.22
N PHE D 212 -43.81 -0.25 0.46
CA PHE D 212 -43.03 0.04 1.64
C PHE D 212 -43.94 0.59 2.72
N THR D 213 -43.48 0.51 3.96
CA THR D 213 -44.27 0.98 5.09
C THR D 213 -43.35 1.41 6.22
N LEU D 214 -43.72 2.52 6.87
CA LEU D 214 -43.07 2.98 8.09
C LEU D 214 -44.05 2.75 9.24
N THR D 215 -43.57 2.15 10.31
CA THR D 215 -44.39 1.82 11.46
C THR D 215 -43.83 2.49 12.70
N ILE D 216 -44.70 3.04 13.53
CA ILE D 216 -44.33 3.72 14.77
C ILE D 216 -44.96 3.00 15.93
N SER D 217 -44.17 2.75 16.98
CA SER D 217 -44.65 2.17 18.22
C SER D 217 -44.49 3.17 19.36
N ARG D 218 -45.48 3.22 20.24
CA ARG D 218 -45.50 4.18 21.35
C ARG D 218 -45.38 5.61 20.83
N LEU D 219 -46.40 6.02 20.08
CA LEU D 219 -46.42 7.36 19.52
C LEU D 219 -46.30 8.41 20.62
N GLU D 220 -45.52 9.44 20.36
CA GLU D 220 -45.26 10.50 21.32
C GLU D 220 -45.91 11.79 20.82
N ALA D 221 -45.85 12.82 21.68
CA ALA D 221 -46.48 14.10 21.37
C ALA D 221 -45.68 14.94 20.38
N GLU D 222 -44.41 14.62 20.16
CA GLU D 222 -43.57 15.37 19.23
C GLU D 222 -43.54 14.75 17.84
N ASP D 223 -44.25 13.65 17.62
CA ASP D 223 -44.22 12.94 16.35
C ASP D 223 -45.31 13.41 15.39
N VAL D 224 -46.11 14.39 15.78
CA VAL D 224 -47.14 14.91 14.88
C VAL D 224 -46.48 15.71 13.78
N GLY D 225 -46.87 15.45 12.54
CA GLY D 225 -46.30 16.16 11.41
C GLY D 225 -46.65 15.47 10.11
N VAL D 226 -45.86 15.76 9.09
CA VAL D 226 -46.08 15.24 7.74
C VAL D 226 -44.90 14.35 7.37
N TYR D 227 -45.18 13.21 6.74
CA TYR D 227 -44.16 12.24 6.37
C TYR D 227 -44.07 12.13 4.85
N TYR D 228 -42.86 12.29 4.34
CA TYR D 228 -42.60 12.18 2.90
C TYR D 228 -41.69 11.00 2.64
N CYS D 229 -42.04 10.19 1.64
CA CYS D 229 -41.23 9.06 1.23
C CYS D 229 -40.56 9.39 -0.10
N MET D 230 -39.24 9.24 -0.15
CA MET D 230 -38.45 9.67 -1.29
C MET D 230 -37.66 8.50 -1.83
N GLN D 231 -37.45 8.50 -3.15
CA GLN D 231 -36.64 7.50 -3.83
C GLN D 231 -35.36 8.15 -4.32
N HIS D 232 -34.24 7.43 -4.16
CA HIS D 232 -32.94 7.91 -4.63
C HIS D 232 -32.33 6.95 -5.66
N LEU D 233 -33.15 6.13 -6.31
CA LEU D 233 -32.60 5.17 -7.26
C LEU D 233 -31.93 5.86 -8.43
N GLU D 234 -32.58 6.86 -9.01
CA GLU D 234 -32.03 7.52 -10.19
C GLU D 234 -32.70 8.86 -10.37
N TYR D 235 -31.94 9.82 -10.87
CA TYR D 235 -32.42 11.18 -10.97
C TYR D 235 -33.46 11.30 -12.09
N PRO D 236 -34.37 12.27 -12.00
CA PRO D 236 -34.55 13.25 -10.94
C PRO D 236 -35.18 12.65 -9.70
N LEU D 237 -34.76 13.08 -8.52
CA LEU D 237 -35.36 12.59 -7.29
C LEU D 237 -36.81 13.01 -7.21
N THR D 238 -37.64 12.13 -6.64
CA THR D 238 -39.07 12.38 -6.55
C THR D 238 -39.53 12.07 -5.14
N PHE D 239 -40.37 12.95 -4.60
CA PHE D 239 -40.95 12.80 -3.27
C PHE D 239 -42.41 12.34 -3.40
N GLY D 240 -42.93 11.78 -2.33
CA GLY D 240 -44.34 11.49 -2.27
C GLY D 240 -45.15 12.73 -1.95
N ALA D 241 -46.45 12.63 -2.17
CA ALA D 241 -47.31 13.77 -1.86
C ALA D 241 -47.24 14.12 -0.38
N GLY D 242 -47.20 13.11 0.47
CA GLY D 242 -47.04 13.32 1.90
C GLY D 242 -48.26 12.85 2.68
N THR D 243 -48.00 12.34 3.88
CA THR D 243 -49.04 11.91 4.81
C THR D 243 -48.95 12.74 6.08
N LYS D 244 -50.08 13.23 6.56
CA LYS D 244 -50.13 14.06 7.75
C LYS D 244 -50.71 13.28 8.91
N LEU D 245 -50.10 13.44 10.08
CA LEU D 245 -50.58 12.82 11.32
C LEU D 245 -51.23 13.91 12.17
N GLU D 246 -52.49 13.70 12.54
CA GLU D 246 -53.25 14.66 13.32
C GLU D 246 -53.52 14.09 14.71
N LEU D 247 -53.29 14.91 15.73
CA LEU D 247 -53.48 14.48 17.10
C LEU D 247 -54.88 14.82 17.60
N LEU E 115 23.97 -22.11 -41.88
CA LEU E 115 24.32 -21.03 -40.89
C LEU E 115 23.11 -20.12 -40.65
N TYR E 116 22.38 -19.80 -41.72
CA TYR E 116 21.21 -18.95 -41.57
C TYR E 116 20.14 -19.61 -40.70
N SER E 117 19.94 -20.91 -40.89
CA SER E 117 18.92 -21.62 -40.10
C SER E 117 19.22 -21.53 -38.62
N LEU E 118 20.49 -21.70 -38.24
CA LEU E 118 20.85 -21.66 -36.83
C LEU E 118 20.50 -20.31 -36.21
N LEU E 119 20.80 -19.22 -36.91
CA LEU E 119 20.49 -17.90 -36.38
C LEU E 119 19.00 -17.75 -36.14
N PHE E 120 18.18 -18.31 -37.04
CA PHE E 120 16.73 -18.13 -36.94
C PHE E 120 16.20 -18.57 -35.59
N LEU E 121 16.51 -19.80 -35.17
CA LEU E 121 16.10 -20.23 -33.84
C LEU E 121 16.76 -19.37 -32.77
N LEU E 122 18.04 -19.04 -32.95
CA LEU E 122 18.72 -18.17 -32.01
C LEU E 122 18.01 -16.83 -31.90
N GLY E 123 17.48 -16.33 -33.02
CA GLY E 123 16.69 -15.11 -32.96
C GLY E 123 15.42 -15.27 -32.13
N LEU E 124 14.69 -16.35 -32.37
CA LEU E 124 13.47 -16.59 -31.60
C LEU E 124 13.79 -16.96 -30.16
N LEU E 125 14.75 -17.87 -29.96
CA LEU E 125 15.06 -18.33 -28.62
C LEU E 125 15.48 -17.17 -27.72
N GLY E 126 16.44 -16.38 -28.17
CA GLY E 126 16.94 -15.30 -27.34
C GLY E 126 15.88 -14.25 -27.06
N ASN E 127 15.17 -13.81 -28.09
CA ASN E 127 14.19 -12.74 -27.92
C ASN E 127 13.05 -13.17 -27.01
N GLY E 128 12.58 -14.41 -27.17
CA GLY E 128 11.44 -14.86 -26.39
C GLY E 128 11.69 -14.79 -24.89
N ALA E 129 12.86 -15.27 -24.46
CA ALA E 129 13.16 -15.25 -23.03
C ALA E 129 13.16 -13.82 -22.50
N VAL E 130 13.80 -12.90 -23.22
CA VAL E 130 13.79 -11.50 -22.80
C VAL E 130 12.36 -11.00 -22.72
N ALA E 131 11.56 -11.29 -23.74
CA ALA E 131 10.16 -10.90 -23.70
C ALA E 131 9.43 -11.59 -22.56
N ALA E 132 9.71 -12.87 -22.35
CA ALA E 132 8.98 -13.62 -21.33
C ALA E 132 9.28 -13.09 -19.93
N VAL E 133 10.56 -12.84 -19.63
CA VAL E 133 10.94 -12.48 -18.27
C VAL E 133 10.27 -11.17 -17.86
N LEU E 134 10.39 -10.15 -18.70
CA LEU E 134 9.78 -8.86 -18.39
C LEU E 134 8.26 -8.99 -18.32
N LEU E 135 7.67 -9.73 -19.25
CA LEU E 135 6.22 -9.89 -19.26
C LEU E 135 5.71 -10.64 -18.03
N SER E 136 6.58 -11.40 -17.37
CA SER E 136 6.20 -12.12 -16.16
C SER E 136 6.20 -11.23 -14.93
N ARG E 137 6.63 -9.98 -15.04
CA ARG E 137 6.65 -9.09 -13.89
C ARG E 137 5.22 -8.78 -13.44
N ARG E 138 5.00 -8.86 -12.13
CA ARG E 138 3.69 -8.64 -11.55
C ARG E 138 3.46 -7.20 -11.10
N THR E 139 4.41 -6.30 -11.37
CA THR E 139 4.28 -4.91 -11.01
C THR E 139 4.72 -4.07 -12.19
N ALA E 140 4.84 -2.76 -11.97
CA ALA E 140 5.22 -1.84 -13.04
C ALA E 140 6.64 -2.12 -13.50
N LEU E 141 6.95 -1.62 -14.70
CA LEU E 141 8.26 -1.79 -15.31
C LEU E 141 8.89 -0.43 -15.52
N SER E 142 10.15 -0.30 -15.08
CA SER E 142 10.83 0.97 -15.19
C SER E 142 10.92 1.41 -16.65
N SER E 143 11.29 2.67 -16.84
CA SER E 143 11.28 3.24 -18.18
C SER E 143 12.23 2.48 -19.10
N THR E 144 13.42 2.14 -18.60
CA THR E 144 14.34 1.34 -19.40
C THR E 144 13.75 -0.04 -19.68
N ASP E 145 13.12 -0.65 -18.67
CA ASP E 145 12.59 -1.99 -18.85
C ASP E 145 11.54 -2.02 -19.95
N THR E 146 10.65 -1.03 -19.99
CA THR E 146 9.62 -1.00 -21.01
C THR E 146 10.23 -0.94 -22.40
N PHE E 147 11.21 -0.05 -22.59
CA PHE E 147 11.84 0.06 -23.90
C PHE E 147 12.48 -1.26 -24.31
N LEU E 148 13.14 -1.93 -23.37
CA LEU E 148 13.72 -3.23 -23.67
C LEU E 148 12.65 -4.19 -24.16
N LEU E 149 11.48 -4.17 -23.52
CA LEU E 149 10.40 -5.04 -23.94
C LEU E 149 9.98 -4.76 -25.38
N HIS E 150 9.83 -3.47 -25.73
CA HIS E 150 9.47 -3.14 -27.11
C HIS E 150 10.50 -3.67 -28.09
N LEU E 151 11.79 -3.42 -27.80
CA LEU E 151 12.83 -3.91 -28.70
C LEU E 151 12.75 -5.42 -28.84
N ALA E 152 12.54 -6.12 -27.73
CA ALA E 152 12.51 -7.57 -27.80
C ALA E 152 11.48 -8.05 -28.82
N VAL E 153 10.28 -7.46 -28.80
CA VAL E 153 9.27 -7.84 -29.77
C VAL E 153 9.68 -7.40 -31.17
N ALA E 154 10.27 -6.20 -31.28
CA ALA E 154 10.63 -5.68 -32.59
C ALA E 154 11.56 -6.64 -33.33
N ASP E 155 12.66 -7.04 -32.68
CA ASP E 155 13.54 -8.01 -33.30
C ASP E 155 12.87 -9.36 -33.45
N THR E 156 11.93 -9.68 -32.55
CA THR E 156 11.21 -10.94 -32.66
C THR E 156 10.47 -11.04 -33.99
N LEU E 157 9.79 -9.97 -34.38
CA LEU E 157 9.11 -9.97 -35.66
C LEU E 157 10.10 -10.14 -36.80
N LEU E 158 11.22 -9.43 -36.74
CA LEU E 158 12.17 -9.49 -37.85
C LEU E 158 12.74 -10.89 -38.03
N VAL E 159 13.11 -11.54 -36.93
CA VAL E 159 13.70 -12.88 -37.05
C VAL E 159 12.72 -13.85 -37.64
N LEU E 160 11.42 -13.64 -37.39
CA LEU E 160 10.40 -14.52 -37.97
C LEU E 160 10.39 -14.46 -39.49
N THR E 161 10.98 -13.42 -40.08
CA THR E 161 11.01 -13.27 -41.53
C THR E 161 12.20 -13.98 -42.16
N LEU E 162 13.12 -14.51 -41.37
CA LEU E 162 14.37 -15.06 -41.87
C LEU E 162 14.14 -16.11 -42.96
N PRO E 163 13.29 -17.11 -42.73
CA PRO E 163 13.12 -18.14 -43.77
C PRO E 163 12.66 -17.58 -45.10
N LEU E 164 11.79 -16.57 -45.07
CA LEU E 164 11.21 -16.06 -46.32
C LEU E 164 12.25 -15.30 -47.14
N TRP E 165 13.07 -14.48 -46.49
CA TRP E 165 14.04 -13.67 -47.21
C TRP E 165 15.29 -14.46 -47.56
N ALA E 166 15.61 -15.48 -46.77
CA ALA E 166 16.82 -16.27 -47.01
C ALA E 166 16.78 -16.90 -48.39
N VAL E 182 3.64 -8.23 -48.16
CA VAL E 182 3.48 -7.94 -46.75
C VAL E 182 4.78 -8.24 -46.01
N ALA E 183 5.50 -9.26 -46.48
CA ALA E 183 6.74 -9.65 -45.81
C ALA E 183 7.72 -8.50 -45.80
N GLY E 184 7.86 -7.81 -46.92
CA GLY E 184 8.74 -6.65 -46.94
C GLY E 184 8.26 -5.54 -46.03
N ALA E 185 6.95 -5.32 -45.98
CA ALA E 185 6.42 -4.18 -45.24
C ALA E 185 6.79 -4.25 -43.77
N LEU E 186 6.48 -5.38 -43.12
CA LEU E 186 6.80 -5.49 -41.70
C LEU E 186 8.31 -5.41 -41.48
N PHE E 187 9.11 -5.79 -42.48
CA PHE E 187 10.55 -5.68 -42.33
C PHE E 187 10.97 -4.24 -42.08
N ASN E 188 10.47 -3.31 -42.89
CA ASN E 188 10.82 -1.91 -42.71
C ASN E 188 10.36 -1.42 -41.34
N ILE E 189 9.19 -1.86 -40.88
CA ILE E 189 8.71 -1.44 -39.58
C ILE E 189 9.68 -1.90 -38.49
N ASN E 190 10.15 -3.14 -38.58
CA ASN E 190 11.00 -3.68 -37.53
C ASN E 190 12.37 -3.04 -37.53
N PHE E 191 12.99 -2.88 -38.70
CA PHE E 191 14.36 -2.40 -38.73
C PHE E 191 14.49 -1.07 -38.02
N TYR E 192 13.64 -0.09 -38.36
CA TYR E 192 13.70 1.19 -37.69
C TYR E 192 13.33 1.06 -36.22
N ALA E 193 12.45 0.10 -35.90
CA ALA E 193 12.13 -0.13 -34.49
C ALA E 193 13.41 -0.44 -33.72
N GLY E 194 14.32 -1.20 -34.31
CA GLY E 194 15.60 -1.46 -33.69
C GLY E 194 16.36 -0.17 -33.40
N ALA E 195 16.59 0.64 -34.42
CA ALA E 195 17.41 1.84 -34.24
C ALA E 195 16.74 2.83 -33.30
N LEU E 196 15.48 3.17 -33.56
CA LEU E 196 14.83 4.18 -32.74
C LEU E 196 14.74 3.75 -31.28
N LEU E 197 14.36 2.51 -31.02
CA LEU E 197 14.27 2.06 -29.63
C LEU E 197 15.64 2.11 -28.98
N LEU E 198 16.66 1.56 -29.64
CA LEU E 198 18.01 1.64 -29.09
C LEU E 198 18.38 3.09 -28.82
N ALA E 199 17.98 4.00 -29.70
CA ALA E 199 18.16 5.41 -29.40
C ALA E 199 17.35 5.81 -28.18
N CYS E 200 16.11 5.32 -28.08
CA CYS E 200 15.25 5.69 -26.96
C CYS E 200 15.87 5.24 -25.64
N ILE E 201 16.44 4.03 -25.61
CA ILE E 201 17.09 3.57 -24.40
C ILE E 201 18.26 4.47 -24.03
N SER E 202 19.04 4.89 -25.02
CA SER E 202 20.21 5.71 -24.72
C SER E 202 19.83 7.00 -24.04
N PHE E 203 18.82 7.70 -24.54
CA PHE E 203 18.43 8.96 -23.93
C PHE E 203 18.00 8.76 -22.49
N ASP E 204 17.22 7.72 -22.22
CA ASP E 204 16.79 7.47 -20.85
C ASP E 204 18.00 7.29 -19.94
N ARG E 205 18.99 6.54 -20.38
CA ARG E 205 20.18 6.32 -19.56
C ARG E 205 20.91 7.64 -19.32
N TYR E 206 20.94 8.52 -20.32
CA TYR E 206 21.56 9.83 -20.14
C TYR E 206 20.86 10.61 -19.04
N LEU E 207 19.53 10.67 -19.09
CA LEU E 207 18.78 11.44 -18.10
C LEU E 207 18.99 10.88 -16.70
N ASN E 208 18.96 9.55 -16.56
CA ASN E 208 19.09 8.95 -15.24
C ASN E 208 20.47 9.19 -14.64
N ILE E 209 21.51 9.25 -15.47
CA ILE E 209 22.88 9.25 -14.96
C ILE E 209 23.55 10.61 -15.04
N VAL E 210 23.34 11.37 -16.10
CA VAL E 210 24.02 12.67 -16.19
C VAL E 210 23.36 13.62 -15.21
N HIS E 211 22.10 13.94 -15.44
CA HIS E 211 21.36 14.85 -14.57
C HIS E 211 20.60 14.08 -13.50
N ALA E 212 21.34 13.26 -12.74
CA ALA E 212 20.71 12.43 -11.72
C ALA E 212 20.12 13.23 -10.58
N THR E 213 20.70 14.38 -10.25
CA THR E 213 20.17 15.18 -9.15
C THR E 213 18.78 15.71 -9.46
N GLN E 214 18.53 16.13 -10.70
CA GLN E 214 17.29 16.80 -11.06
C GLN E 214 16.15 15.84 -11.39
N LEU E 215 16.42 14.53 -11.51
CA LEU E 215 15.39 13.56 -11.85
C LEU E 215 15.26 12.50 -10.77
N TYR E 216 15.51 12.85 -9.52
CA TYR E 216 15.26 11.92 -8.43
C TYR E 216 13.77 11.69 -8.28
N ARG E 217 13.39 10.42 -8.10
CA ARG E 217 12.00 10.05 -7.92
C ARG E 217 11.85 8.89 -6.94
N PRO E 221 8.28 5.15 -10.56
CA PRO E 221 8.36 4.88 -12.00
C PRO E 221 7.54 5.84 -12.84
N ALA E 222 8.01 6.14 -14.04
CA ALA E 222 7.34 7.06 -14.94
C ALA E 222 6.89 6.31 -16.19
N ARG E 223 5.59 6.42 -16.51
CA ARG E 223 5.06 5.75 -17.70
C ARG E 223 5.64 6.41 -18.94
N VAL E 224 6.03 5.60 -19.91
CA VAL E 224 6.71 6.11 -21.11
C VAL E 224 6.07 5.52 -22.36
N THR E 225 4.89 4.91 -22.21
CA THR E 225 4.24 4.29 -23.36
C THR E 225 3.92 5.30 -24.45
N LEU E 226 3.81 6.58 -24.09
CA LEU E 226 3.52 7.60 -25.10
C LEU E 226 4.58 7.64 -26.18
N THR E 227 5.86 7.65 -25.79
CA THR E 227 6.91 7.77 -26.78
C THR E 227 7.02 6.52 -27.64
N CYS E 228 6.82 5.35 -27.03
CA CYS E 228 6.93 4.09 -27.78
C CYS E 228 5.94 4.06 -28.93
N LEU E 229 4.70 4.49 -28.68
CA LEU E 229 3.71 4.54 -29.74
C LEU E 229 4.20 5.39 -30.91
N ALA E 230 4.84 6.53 -30.60
CA ALA E 230 5.37 7.37 -31.66
C ALA E 230 6.43 6.64 -32.47
N VAL E 231 7.36 5.96 -31.80
CA VAL E 231 8.43 5.27 -32.51
C VAL E 231 7.85 4.15 -33.37
N TRP E 232 6.92 3.38 -32.80
CA TRP E 232 6.15 2.46 -33.63
C TRP E 232 5.34 3.24 -34.66
N GLY E 233 4.78 4.38 -34.27
CA GLY E 233 4.02 5.18 -35.21
C GLY E 233 4.88 5.71 -36.34
N LEU E 234 6.07 6.23 -36.02
CA LEU E 234 6.95 6.71 -37.08
C LEU E 234 7.29 5.61 -38.06
N CYS E 235 7.32 4.36 -37.60
CA CYS E 235 7.48 3.24 -38.53
C CYS E 235 6.28 3.12 -39.46
N LEU E 236 5.07 3.24 -38.91
CA LEU E 236 3.88 3.07 -39.73
C LEU E 236 3.85 4.09 -40.86
N LEU E 237 4.17 5.34 -40.56
CA LEU E 237 4.13 6.38 -41.58
C LEU E 237 5.02 6.01 -42.77
N PHE E 238 6.24 5.58 -42.49
CA PHE E 238 7.14 5.15 -43.55
C PHE E 238 6.77 3.80 -44.13
N ALA E 239 6.06 2.97 -43.37
CA ALA E 239 5.73 1.62 -43.82
C ALA E 239 4.57 1.59 -44.81
N LEU E 240 3.75 2.64 -44.86
CA LEU E 240 2.59 2.61 -45.74
C LEU E 240 2.96 2.32 -47.19
N PRO E 241 3.97 2.95 -47.78
CA PRO E 241 4.29 2.64 -49.18
C PRO E 241 4.65 1.18 -49.42
N ASP E 242 5.15 0.48 -48.40
CA ASP E 242 5.45 -0.94 -48.57
C ASP E 242 4.20 -1.72 -48.96
N PHE E 243 3.10 -1.49 -48.25
CA PHE E 243 1.84 -2.12 -48.61
C PHE E 243 1.36 -1.63 -49.97
N ILE E 244 1.54 -0.35 -50.25
CA ILE E 244 1.15 0.24 -51.52
C ILE E 244 2.13 -0.19 -52.60
N PRO E 264 7.10 3.54 -58.12
CA PRO E 264 7.36 4.98 -58.23
C PRO E 264 8.80 5.34 -57.91
N GLN E 265 9.53 5.81 -58.94
CA GLN E 265 10.94 6.13 -58.74
C GLN E 265 11.14 7.17 -57.66
N VAL E 266 10.42 8.30 -57.77
CA VAL E 266 10.57 9.36 -56.78
C VAL E 266 10.09 8.90 -55.42
N GLY E 267 9.06 8.05 -55.39
CA GLY E 267 8.57 7.56 -54.11
C GLY E 267 9.60 6.71 -53.39
N ARG E 268 10.17 5.73 -54.08
CA ARG E 268 11.24 4.95 -53.47
C ARG E 268 12.44 5.83 -53.14
N THR E 269 12.69 6.86 -53.93
CA THR E 269 13.80 7.76 -53.65
C THR E 269 13.59 8.48 -52.32
N ALA E 270 12.38 9.01 -52.10
CA ALA E 270 12.08 9.65 -50.83
C ALA E 270 12.16 8.64 -49.70
N LEU E 271 11.70 7.41 -49.95
CA LEU E 271 11.79 6.38 -48.93
C LEU E 271 13.24 6.16 -48.51
N ARG E 272 14.13 5.99 -49.49
CA ARG E 272 15.54 5.77 -49.18
C ARG E 272 16.14 6.98 -48.45
N VAL E 273 15.82 8.18 -48.92
CA VAL E 273 16.39 9.38 -48.33
C VAL E 273 16.00 9.48 -46.87
N LEU E 274 14.70 9.32 -46.58
CA LEU E 274 14.25 9.35 -45.20
C LEU E 274 14.89 8.23 -44.39
N GLN E 275 14.99 7.04 -44.99
CA GLN E 275 15.60 5.92 -44.28
C GLN E 275 16.99 6.28 -43.78
N LEU E 276 17.84 6.77 -44.67
CA LEU E 276 19.19 7.13 -44.23
C LEU E 276 19.17 8.29 -43.26
N VAL E 277 18.36 9.31 -43.53
CA VAL E 277 18.43 10.53 -42.73
C VAL E 277 18.05 10.27 -41.29
N ALA E 278 16.91 9.60 -41.07
CA ALA E 278 16.35 9.47 -39.73
C ALA E 278 16.21 8.01 -39.29
N GLY E 279 16.93 7.08 -39.91
CA GLY E 279 16.87 5.71 -39.50
C GLY E 279 18.19 5.22 -38.94
N PHE E 280 19.30 5.75 -39.45
CA PHE E 280 20.62 5.29 -39.06
C PHE E 280 21.56 6.42 -38.67
N LEU E 281 21.37 7.62 -39.23
CA LEU E 281 22.25 8.73 -38.86
C LEU E 281 21.85 9.34 -37.53
N LEU E 282 20.64 9.89 -37.46
CA LEU E 282 20.22 10.54 -36.22
C LEU E 282 20.26 9.60 -35.03
N PRO E 283 19.79 8.36 -35.12
CA PRO E 283 19.94 7.45 -33.97
C PRO E 283 21.39 7.29 -33.55
N LEU E 284 22.31 7.18 -34.51
CA LEU E 284 23.71 7.01 -34.16
C LEU E 284 24.25 8.25 -33.47
N LEU E 285 23.93 9.43 -33.99
CA LEU E 285 24.42 10.66 -33.37
C LEU E 285 23.87 10.80 -31.96
N VAL E 286 22.60 10.44 -31.76
CA VAL E 286 22.01 10.54 -30.44
C VAL E 286 22.70 9.59 -29.47
N MET E 287 22.89 8.34 -29.90
CA MET E 287 23.58 7.38 -29.04
C MET E 287 24.98 7.87 -28.70
N ALA E 288 25.70 8.38 -29.70
CA ALA E 288 27.07 8.85 -29.46
C ALA E 288 27.09 9.96 -28.43
N TYR E 289 26.25 10.97 -28.60
CA TYR E 289 26.26 12.09 -27.66
C TYR E 289 25.91 11.61 -26.26
N CYS E 290 24.80 10.89 -26.11
CA CYS E 290 24.35 10.50 -24.78
C CYS E 290 25.40 9.62 -24.08
N TYR E 291 25.92 8.61 -24.79
CA TYR E 291 26.86 7.72 -24.17
C TYR E 291 28.20 8.40 -23.91
N ALA E 292 28.57 9.37 -24.75
CA ALA E 292 29.79 10.13 -24.47
C ALA E 292 29.65 10.90 -23.16
N HIS E 293 28.51 11.54 -22.95
CA HIS E 293 28.33 12.26 -21.70
C HIS E 293 28.29 11.31 -20.52
N ILE E 294 27.63 10.16 -20.67
CA ILE E 294 27.61 9.19 -19.58
C ILE E 294 29.03 8.75 -19.24
N LEU E 295 29.85 8.48 -20.26
CA LEU E 295 31.23 8.11 -20.03
C LEU E 295 31.97 9.21 -19.27
N ALA E 296 31.82 10.46 -19.72
CA ALA E 296 32.53 11.56 -19.07
C ALA E 296 32.15 11.65 -17.61
N VAL E 297 30.85 11.57 -17.31
CA VAL E 297 30.41 11.67 -15.92
C VAL E 297 30.96 10.50 -15.10
N LEU E 298 30.91 9.30 -15.66
CA LEU E 298 31.41 8.15 -14.90
C LEU E 298 32.89 8.31 -14.57
N LEU E 299 33.66 8.91 -15.49
CA LEU E 299 35.07 9.13 -15.19
C LEU E 299 35.27 10.01 -13.95
N VAL E 300 34.31 10.89 -13.65
CA VAL E 300 34.37 11.72 -12.45
C VAL E 300 33.61 11.07 -11.29
N SER E 301 33.04 9.89 -11.51
CA SER E 301 32.30 9.19 -10.48
C SER E 301 33.27 8.46 -9.55
N ARG E 302 32.75 7.58 -8.71
CA ARG E 302 33.54 6.90 -7.70
C ARG E 302 32.94 5.54 -7.40
N GLY E 303 33.77 4.53 -7.34
CA GLY E 303 33.30 3.19 -7.05
C GLY E 303 34.02 2.18 -7.93
N GLN E 304 33.49 0.95 -7.90
CA GLN E 304 34.02 -0.13 -8.71
C GLN E 304 33.21 -0.40 -9.97
N ARG E 305 31.97 0.08 -10.04
CA ARG E 305 31.10 -0.19 -11.17
C ARG E 305 31.39 0.72 -12.36
N ARG E 306 32.10 1.84 -12.16
CA ARG E 306 32.28 2.81 -13.22
C ARG E 306 33.01 2.20 -14.41
N LEU E 307 34.08 1.44 -14.13
CA LEU E 307 34.90 0.89 -15.22
C LEU E 307 34.09 -0.11 -16.05
N ARG E 308 33.37 -1.00 -15.39
CA ARG E 308 32.59 -1.99 -16.14
C ARG E 308 31.52 -1.30 -16.97
N ALA E 309 30.89 -0.27 -16.41
CA ALA E 309 29.90 0.47 -17.17
C ALA E 309 30.52 1.11 -18.40
N MET E 310 31.70 1.71 -18.27
CA MET E 310 32.34 2.31 -19.44
C MET E 310 32.61 1.25 -20.50
N ARG E 311 33.14 0.10 -20.07
CA ARG E 311 33.45 -0.97 -21.02
C ARG E 311 32.20 -1.41 -21.76
N LEU E 312 31.11 -1.63 -21.02
CA LEU E 312 29.87 -2.09 -21.64
C LEU E 312 29.33 -1.05 -22.61
N VAL E 313 29.40 0.24 -22.25
CA VAL E 313 28.89 1.27 -23.13
C VAL E 313 29.66 1.28 -24.44
N VAL E 314 30.99 1.27 -24.35
CA VAL E 314 31.79 1.24 -25.57
C VAL E 314 31.45 0.02 -26.40
N VAL E 315 31.28 -1.13 -25.73
CA VAL E 315 30.97 -2.35 -26.47
C VAL E 315 29.66 -2.19 -27.24
N VAL E 316 28.63 -1.66 -26.59
CA VAL E 316 27.33 -1.56 -27.23
C VAL E 316 27.40 -0.62 -28.43
N VAL E 317 28.01 0.54 -28.25
CA VAL E 317 28.07 1.50 -29.36
C VAL E 317 28.87 0.93 -30.52
N VAL E 318 30.01 0.30 -30.22
CA VAL E 318 30.82 -0.29 -31.28
C VAL E 318 30.04 -1.37 -32.01
N ALA E 319 29.32 -2.20 -31.26
CA ALA E 319 28.56 -3.28 -31.89
C ALA E 319 27.50 -2.71 -32.82
N PHE E 320 26.74 -1.72 -32.35
CA PHE E 320 25.73 -1.12 -33.20
C PHE E 320 26.35 -0.58 -34.49
N ALA E 321 27.44 0.18 -34.35
CA ALA E 321 28.07 0.78 -35.52
C ALA E 321 28.55 -0.29 -36.49
N LEU E 322 29.33 -1.25 -36.00
CA LEU E 322 29.94 -2.24 -36.87
C LEU E 322 28.92 -3.19 -37.46
N CYS E 323 27.74 -3.33 -36.85
CA CYS E 323 26.74 -4.24 -37.39
C CYS E 323 25.71 -3.55 -38.26
N TRP E 324 25.65 -2.22 -38.25
CA TRP E 324 24.69 -1.51 -39.09
C TRP E 324 25.32 -0.72 -40.23
N THR E 325 26.51 -0.15 -40.03
CA THR E 325 27.07 0.73 -41.04
C THR E 325 27.21 0.11 -42.43
N PRO E 326 27.60 -1.15 -42.58
CA PRO E 326 27.77 -1.70 -43.93
C PRO E 326 26.53 -1.63 -44.80
N TYR E 327 25.34 -1.78 -44.22
CA TYR E 327 24.12 -1.71 -45.02
C TYR E 327 23.84 -0.30 -45.49
N HIS E 328 23.91 0.67 -44.57
CA HIS E 328 23.53 2.03 -44.90
C HIS E 328 24.59 2.72 -45.75
N LEU E 329 25.86 2.31 -45.63
CA LEU E 329 26.86 2.82 -46.55
C LEU E 329 26.52 2.41 -47.99
N VAL E 330 26.12 1.16 -48.19
CA VAL E 330 25.77 0.69 -49.52
C VAL E 330 24.50 1.37 -50.01
N VAL E 331 23.53 1.59 -49.11
CA VAL E 331 22.33 2.31 -49.50
C VAL E 331 22.68 3.71 -49.97
N LEU E 332 23.60 4.38 -49.26
CA LEU E 332 24.05 5.69 -49.70
C LEU E 332 24.72 5.61 -51.06
N VAL E 333 25.53 4.58 -51.28
CA VAL E 333 26.21 4.43 -52.56
C VAL E 333 25.19 4.30 -53.70
N ASP E 334 24.19 3.45 -53.49
CA ASP E 334 23.15 3.28 -54.51
C ASP E 334 22.34 4.55 -54.70
N ILE E 335 22.11 5.29 -53.61
CA ILE E 335 21.41 6.56 -53.71
C ILE E 335 22.17 7.50 -54.62
N LEU E 336 23.48 7.63 -54.40
CA LEU E 336 24.29 8.49 -55.25
C LEU E 336 24.29 7.99 -56.68
N MET E 337 24.34 6.67 -56.87
CA MET E 337 24.32 6.11 -58.22
C MET E 337 23.04 6.51 -58.95
N ASP E 338 21.89 6.31 -58.31
CA ASP E 338 20.62 6.63 -58.95
C ASP E 338 20.47 8.13 -59.17
N LEU E 339 21.04 8.94 -58.28
CA LEU E 339 20.97 10.39 -58.46
C LEU E 339 21.85 10.88 -59.59
N GLY E 340 22.69 10.03 -60.18
CA GLY E 340 23.54 10.42 -61.28
C GLY E 340 24.96 10.75 -60.92
N ALA E 341 25.39 10.44 -59.70
CA ALA E 341 26.76 10.72 -59.27
C ALA E 341 27.74 9.59 -59.58
N LEU E 342 27.28 8.49 -60.15
CA LEU E 342 28.14 7.34 -60.45
C LEU E 342 27.66 6.67 -61.73
N ALA E 343 28.35 5.62 -62.12
CA ALA E 343 28.08 4.88 -63.35
C ALA E 343 27.58 3.49 -63.03
N ARG E 344 26.67 2.98 -63.86
CA ARG E 344 26.07 1.67 -63.65
C ARG E 344 26.71 0.63 -64.56
N ASN E 345 26.95 -0.56 -64.01
CA ASN E 345 27.43 -1.69 -64.78
C ASN E 345 26.93 -2.98 -64.12
N CYS E 346 26.88 -4.05 -64.91
CA CYS E 346 26.23 -5.28 -64.46
C CYS E 346 27.00 -5.91 -63.30
N GLY E 347 28.32 -6.05 -63.43
CA GLY E 347 29.09 -6.69 -62.37
C GLY E 347 29.03 -5.92 -61.07
N ARG E 348 29.16 -4.59 -61.14
CA ARG E 348 29.06 -3.78 -59.93
C ARG E 348 27.66 -3.86 -59.34
N GLU E 349 26.63 -3.91 -60.19
CA GLU E 349 25.26 -4.08 -59.68
C GLU E 349 25.11 -5.39 -58.94
N SER E 350 25.66 -6.48 -59.49
CA SER E 350 25.59 -7.77 -58.82
C SER E 350 26.33 -7.73 -57.49
N ARG E 351 27.52 -7.13 -57.46
CA ARG E 351 28.25 -6.99 -56.21
C ARG E 351 27.43 -6.19 -55.21
N VAL E 352 26.73 -5.16 -55.68
CA VAL E 352 25.94 -4.31 -54.79
C VAL E 352 24.79 -5.10 -54.19
N ASP E 353 24.11 -5.90 -55.00
CA ASP E 353 23.02 -6.71 -54.46
C ASP E 353 23.54 -7.74 -53.47
N VAL E 354 24.69 -8.34 -53.77
CA VAL E 354 25.29 -9.28 -52.82
C VAL E 354 25.65 -8.55 -51.53
N ALA E 355 26.09 -7.30 -51.64
CA ALA E 355 26.38 -6.49 -50.45
C ALA E 355 25.12 -6.23 -49.65
N LYS E 356 24.02 -5.94 -50.33
CA LYS E 356 22.73 -5.85 -49.65
C LYS E 356 22.45 -7.13 -48.88
N SER E 357 22.68 -8.29 -49.52
CA SER E 357 22.43 -9.57 -48.86
C SER E 357 23.28 -9.71 -47.60
N VAL E 358 24.59 -9.48 -47.74
CA VAL E 358 25.51 -9.69 -46.63
C VAL E 358 25.19 -8.73 -45.49
N THR E 359 24.93 -7.47 -45.82
CA THR E 359 24.62 -6.50 -44.78
C THR E 359 23.28 -6.80 -44.12
N SER E 360 22.31 -7.33 -44.87
CA SER E 360 21.07 -7.75 -44.25
C SER E 360 21.31 -8.88 -43.27
N GLY E 361 22.16 -9.83 -43.63
CA GLY E 361 22.54 -10.86 -42.68
C GLY E 361 23.21 -10.29 -41.45
N LEU E 362 24.06 -9.29 -41.64
CA LEU E 362 24.75 -8.67 -40.52
C LEU E 362 23.75 -7.96 -39.59
N GLY E 363 22.78 -7.28 -40.18
CA GLY E 363 21.73 -6.65 -39.38
C GLY E 363 20.91 -7.68 -38.63
N TYR E 364 20.62 -8.82 -39.26
CA TYR E 364 19.99 -9.92 -38.55
C TYR E 364 20.84 -10.37 -37.38
N MET E 365 22.16 -10.40 -37.57
CA MET E 365 23.05 -10.79 -36.47
C MET E 365 22.94 -9.80 -35.32
N HIS E 366 22.89 -8.51 -35.63
CA HIS E 366 22.72 -7.53 -34.55
C HIS E 366 21.39 -7.73 -33.85
N CYS E 367 20.33 -7.99 -34.61
CA CYS E 367 19.03 -8.21 -34.01
C CYS E 367 19.08 -9.41 -33.05
N CYS E 368 19.73 -10.49 -33.48
CA CYS E 368 19.88 -11.65 -32.61
C CYS E 368 20.72 -11.32 -31.38
N LEU E 369 21.68 -10.41 -31.52
CA LEU E 369 22.54 -10.06 -30.39
C LEU E 369 21.90 -9.07 -29.44
N ASN E 370 20.85 -8.38 -29.85
CA ASN E 370 20.22 -7.39 -28.97
C ASN E 370 19.90 -7.94 -27.59
N PRO E 371 19.31 -9.12 -27.44
CA PRO E 371 19.07 -9.63 -26.09
C PRO E 371 20.34 -9.74 -25.26
N LEU E 372 21.45 -10.17 -25.87
CA LEU E 372 22.66 -10.42 -25.09
C LEU E 372 23.22 -9.14 -24.49
N LEU E 373 23.23 -8.05 -25.25
CA LEU E 373 23.96 -6.85 -24.86
C LEU E 373 23.15 -5.90 -24.00
N TYR E 374 21.82 -5.94 -24.07
CA TYR E 374 20.98 -5.02 -23.32
C TYR E 374 20.29 -5.67 -22.14
N ALA E 375 20.12 -6.98 -22.15
CA ALA E 375 19.46 -7.70 -21.07
C ALA E 375 20.40 -8.63 -20.32
N PHE E 376 21.03 -9.58 -21.03
CA PHE E 376 21.76 -10.64 -20.36
C PHE E 376 22.99 -10.16 -19.62
N VAL E 377 23.42 -8.92 -19.82
CA VAL E 377 24.54 -8.38 -19.07
C VAL E 377 24.12 -7.70 -17.78
N GLY E 378 22.89 -7.18 -17.71
CA GLY E 378 22.47 -6.46 -16.53
C GLY E 378 22.34 -7.35 -15.31
N VAL E 379 22.52 -6.74 -14.14
CA VAL E 379 22.32 -7.48 -12.90
C VAL E 379 20.83 -7.66 -12.62
N LYS E 380 20.03 -6.62 -12.82
CA LYS E 380 18.62 -6.70 -12.47
C LYS E 380 17.91 -7.75 -13.30
N PHE E 381 18.21 -7.83 -14.59
CA PHE E 381 17.56 -8.82 -15.44
C PHE E 381 17.87 -10.23 -14.95
N ARG E 382 19.13 -10.51 -14.63
CA ARG E 382 19.53 -11.88 -14.32
C ARG E 382 18.78 -12.42 -13.12
N GLU E 383 18.56 -11.59 -12.10
CA GLU E 383 17.84 -12.07 -10.92
C GLU E 383 16.43 -12.47 -11.27
N ARG E 384 15.77 -11.75 -12.18
CA ARG E 384 14.45 -12.17 -12.62
C ARG E 384 14.52 -13.50 -13.34
N MET E 385 15.53 -13.70 -14.19
CA MET E 385 15.70 -14.98 -14.86
C MET E 385 15.95 -16.10 -13.84
N TRP E 386 16.82 -15.84 -12.86
CA TRP E 386 17.06 -16.83 -11.82
C TRP E 386 15.81 -17.11 -11.00
N MET E 387 14.95 -16.11 -10.82
CA MET E 387 13.73 -16.31 -10.05
C MET E 387 12.69 -17.09 -10.85
N LEU E 388 12.44 -16.67 -12.08
CA LEU E 388 11.49 -17.37 -12.93
C LEU E 388 12.10 -18.69 -13.40
#